data_2Q2E
#
_entry.id   2Q2E
#
_cell.length_a   227.812
_cell.length_b   227.812
_cell.length_c   208.660
_cell.angle_alpha   90.00
_cell.angle_beta   90.00
_cell.angle_gamma   120.00
#
_symmetry.space_group_name_H-M   'P 64 2 2'
#
loop_
_entity.id
_entity.type
_entity.pdbx_description
1 polymer 'Type II DNA topoisomerase VI subunit A'
2 polymer 'Type 2 DNA topoisomerase 6 subunit B'
#
loop_
_entity_poly.entity_id
_entity_poly.type
_entity_poly.pdbx_seq_one_letter_code
_entity_poly.pdbx_strand_id
1 'polypeptide(L)'
;MEGEKGSKTRKGDALAREKLLEIAEKIYNQFEEEVVPSVSLPSRTKANLEYSDESDVWVYGDRESERSAKTVKGAFQLLK
TTYATDFLINEHLARNRGSTLRELYYISEGWDYAKFKEQGESDRLIEDLEILTSLQREYFHMRPEEDGATMFGPIEITEQ
TKRGERNIHCQKDVGEGGYQIPFNVENIEFQKHDASMIIAIETGGMYARLMENGFDEAYNAILVHLKGQPARSTRRIIKR
MNEELGIPVAVFTDGDPWSYRIYASVAYGAIKSAHLSEFMATPAAKFLGLQPSDIVEYELSTDKLTEQDVSALRSELSDP
RFESDYWKEQIQLQLDIGKKAEQQAFAGKGLDFVTEVYLPNRLKEMGMI
;
A
2 'polypeptide(L)'
;METPIAEELAKKQKSISVAEFFEKNRQILGFDSAPRSLITTVKEAVDNALDACEEAGILPDILVQVERTGPDYVTVIIED
NGPGIVREQIPKVFAKLLYGSRFHALKQSRGQQGIGISAAVLYAQMTAGRHTKILSKTSPTAPAHYYELMINTSTNEPDI
LVDEVRDWFRPHGTQIELEMRAAYVKGRRQSIYEYLKATAIVNPHARITLIDPDGNEEVFERATDKMPEPAEEILPHPEG
IELGTLMKMLHYTERQKLAPFLRYSFCKIGLLTAEEICKAAGLDPEIDPHALGRHEARKLIEAFEKVKIMAPPTDCLSPI
GEDLIYRGLEKETTVDFIATSTRKPAVYSGNPFVVEVGMAYGGNLPKEEKISIMRFANRVPLLYQQGGCVTTHAVEDIKW
KQYGLNQPGGGIPVGPVILLIHVASINVPFTSESKDAIADIPVIKEEIDLAIKEVARKLKHYLSKQSNLKKRREKEIIIT
KVLPKLAAKVAHVLEKDVPDINPVVAKIMGNLLVHRVIKNNGDGTVDVAIKVKNFGTSAYSFRVHEMLPCKVSGAKPEPK
VVTMGNDYDYVWDISASAGSSKVLSYKIESASEEELQKLPQLIVEGIEEELVTGAKAFKGV
;
B
#
# COMPACT_ATOMS: atom_id res chain seq x y z
N LEU A 15 -47.83 -5.52 22.75
CA LEU A 15 -46.53 -4.97 22.29
C LEU A 15 -46.64 -3.44 22.23
N ALA A 16 -45.97 -2.74 23.15
CA ALA A 16 -45.99 -1.27 23.17
C ALA A 16 -45.05 -0.77 22.08
N ARG A 17 -43.95 -0.13 22.48
CA ARG A 17 -42.95 0.35 21.53
C ARG A 17 -43.44 1.41 20.56
N GLU A 18 -44.26 2.35 21.02
CA GLU A 18 -44.75 3.39 20.12
C GLU A 18 -44.05 4.72 20.41
N LYS A 19 -43.75 4.98 21.67
CA LYS A 19 -43.07 6.21 22.06
C LYS A 19 -41.76 6.23 21.28
N LEU A 20 -41.48 5.12 20.61
CA LEU A 20 -40.27 4.95 19.81
C LEU A 20 -40.60 4.78 18.34
N LEU A 21 -41.59 3.95 18.05
CA LEU A 21 -42.00 3.71 16.67
C LEU A 21 -42.22 5.07 16.03
N GLU A 22 -42.52 6.05 16.88
CA GLU A 22 -42.75 7.42 16.43
C GLU A 22 -41.46 8.02 15.87
N ILE A 23 -40.39 7.96 16.64
CA ILE A 23 -39.10 8.50 16.21
C ILE A 23 -38.48 7.57 15.18
N ALA A 24 -39.01 6.36 15.07
CA ALA A 24 -38.51 5.37 14.13
C ALA A 24 -39.01 5.65 12.72
N GLU A 25 -40.12 6.37 12.63
CA GLU A 25 -40.72 6.74 11.34
C GLU A 25 -40.16 8.10 11.00
N LYS A 26 -39.88 8.86 12.06
CA LYS A 26 -39.32 10.21 11.96
C LYS A 26 -37.94 10.12 11.31
N ILE A 27 -37.44 8.88 11.21
CA ILE A 27 -36.15 8.60 10.59
C ILE A 27 -36.39 8.83 9.12
N TYR A 28 -37.53 8.34 8.68
CA TYR A 28 -37.93 8.49 7.29
C TYR A 28 -38.15 9.95 7.02
N ASN A 29 -39.30 10.46 7.47
CA ASN A 29 -39.65 11.87 7.29
C ASN A 29 -38.47 12.76 6.91
N GLN A 30 -37.34 12.61 7.59
CA GLN A 30 -36.15 13.39 7.28
C GLN A 30 -35.63 12.85 5.95
N PHE A 31 -36.58 12.38 5.13
CA PHE A 31 -36.31 11.81 3.84
C PHE A 31 -36.82 12.74 2.73
N GLU A 32 -38.12 12.93 2.66
CA GLU A 32 -38.67 13.81 1.66
C GLU A 32 -38.22 15.22 2.00
N GLU A 33 -38.52 15.68 3.21
CA GLU A 33 -38.07 17.00 3.60
C GLU A 33 -36.60 17.11 3.28
N GLU A 34 -35.97 15.94 3.11
CA GLU A 34 -34.56 15.86 2.80
C GLU A 34 -34.36 15.78 1.30
N VAL A 35 -35.25 15.05 0.62
CA VAL A 35 -35.15 14.92 -0.83
C VAL A 35 -35.64 16.17 -1.57
N VAL A 36 -36.96 16.38 -1.55
CA VAL A 36 -37.57 17.53 -2.23
C VAL A 36 -36.60 18.73 -2.28
N PRO A 37 -36.08 19.20 -1.13
CA PRO A 37 -35.17 20.34 -1.27
C PRO A 37 -33.70 20.09 -1.76
N SER A 38 -32.89 19.31 -1.05
CA SER A 38 -31.50 19.11 -1.50
C SER A 38 -30.90 17.70 -1.40
N VAL A 39 -29.62 17.64 -1.04
CA VAL A 39 -28.90 16.37 -0.88
C VAL A 39 -29.57 15.62 0.25
N SER A 40 -28.93 14.56 0.73
CA SER A 40 -29.51 13.81 1.86
C SER A 40 -28.50 13.26 2.84
N LEU A 41 -27.88 14.16 3.60
CA LEU A 41 -26.88 13.76 4.59
C LEU A 41 -27.46 13.61 5.99
N PRO A 42 -27.04 12.59 6.73
CA PRO A 42 -27.49 12.35 8.10
C PRO A 42 -26.26 12.63 8.99
N SER A 43 -26.29 12.24 10.26
CA SER A 43 -25.12 12.48 11.13
C SER A 43 -25.05 11.62 12.40
N SER A 68 -21.86 9.88 6.31
CA SER A 68 -22.65 11.13 6.21
C SER A 68 -23.44 11.24 4.90
N ALA A 69 -23.50 10.15 4.13
CA ALA A 69 -24.23 10.12 2.85
C ALA A 69 -23.60 10.91 1.69
N LYS A 70 -24.06 10.61 0.48
CA LYS A 70 -23.62 11.24 -0.78
C LYS A 70 -22.79 10.40 -1.76
N THR A 71 -21.90 9.54 -1.26
CA THR A 71 -21.08 8.77 -2.19
C THR A 71 -20.84 7.31 -1.83
N VAL A 72 -21.18 6.46 -2.80
CA VAL A 72 -21.05 5.00 -2.74
C VAL A 72 -21.29 4.27 -1.42
N LYS A 73 -20.25 4.20 -0.60
CA LYS A 73 -20.37 3.52 0.69
C LYS A 73 -21.25 4.33 1.63
N GLY A 74 -21.43 5.61 1.30
CA GLY A 74 -22.26 6.48 2.11
C GLY A 74 -23.66 6.61 1.56
N ALA A 75 -23.87 6.01 0.41
CA ALA A 75 -25.16 6.01 -0.24
C ALA A 75 -25.76 4.66 0.09
N PHE A 76 -25.01 3.60 -0.20
CA PHE A 76 -25.46 2.24 0.09
C PHE A 76 -25.76 2.08 1.59
N GLN A 77 -24.77 2.42 2.41
CA GLN A 77 -24.90 2.34 3.87
C GLN A 77 -26.24 2.93 4.29
N LEU A 78 -26.79 3.78 3.44
CA LEU A 78 -28.07 4.42 3.69
C LEU A 78 -29.20 3.51 3.19
N LEU A 79 -29.22 3.23 1.89
CA LEU A 79 -30.26 2.37 1.31
C LEU A 79 -30.65 1.26 2.26
N LYS A 80 -29.66 0.70 2.95
CA LYS A 80 -29.89 -0.37 3.90
C LYS A 80 -30.40 0.15 5.24
N THR A 82 -31.86 2.31 6.65
CA THR A 82 -33.01 3.10 6.12
C THR A 82 -34.14 2.20 5.67
N TYR A 83 -33.98 1.63 4.49
CA TYR A 83 -35.02 0.74 3.99
C TYR A 83 -35.08 -0.56 4.76
N ALA A 84 -34.37 -1.58 4.26
CA ALA A 84 -34.31 -2.90 4.90
C ALA A 84 -34.58 -2.73 6.38
N THR A 85 -34.05 -1.64 6.91
CA THR A 85 -34.19 -1.24 8.29
C THR A 85 -35.65 -0.93 8.68
N ASP A 86 -36.02 0.33 8.45
CA ASP A 86 -37.33 0.83 8.77
C ASP A 86 -38.43 -0.01 8.14
N PHE A 87 -38.04 -1.03 7.39
CA PHE A 87 -39.01 -1.91 6.74
C PHE A 87 -39.41 -3.09 7.62
N LEU A 88 -38.42 -3.80 8.16
CA LEU A 88 -38.75 -4.94 9.01
C LEU A 88 -39.26 -4.44 10.34
N ILE A 89 -38.87 -3.22 10.68
CA ILE A 89 -39.26 -2.64 11.94
C ILE A 89 -40.69 -2.08 12.05
N ASN A 90 -40.90 -0.84 11.64
CA ASN A 90 -42.23 -0.23 11.71
C ASN A 90 -43.36 -1.07 11.17
N GLU A 91 -43.08 -1.92 10.19
CA GLU A 91 -44.13 -2.76 9.61
C GLU A 91 -44.28 -4.09 10.34
N HIS A 92 -43.37 -4.38 11.27
CA HIS A 92 -43.43 -5.62 12.04
C HIS A 92 -43.37 -5.37 13.54
N LEU A 93 -43.75 -4.16 13.94
CA LEU A 93 -43.76 -3.75 15.33
C LEU A 93 -45.16 -3.97 15.91
N ALA A 94 -46.18 -3.80 15.07
CA ALA A 94 -47.58 -3.98 15.47
C ALA A 94 -48.06 -5.40 15.21
N ARG A 95 -47.19 -6.25 14.65
CA ARG A 95 -47.54 -7.64 14.37
C ARG A 95 -46.76 -8.56 15.31
N ASN A 96 -46.15 -7.95 16.32
CA ASN A 96 -45.38 -8.64 17.36
C ASN A 96 -44.00 -9.20 17.05
N ARG A 97 -43.95 -10.43 16.54
CA ARG A 97 -42.69 -11.11 16.21
C ARG A 97 -41.40 -10.32 16.41
N GLY A 98 -40.41 -10.93 17.09
CA GLY A 98 -39.15 -10.26 17.32
C GLY A 98 -37.98 -11.17 17.01
N SER A 99 -36.94 -10.63 16.41
CA SER A 99 -35.79 -11.47 16.07
C SER A 99 -34.42 -10.94 16.43
N THR A 100 -33.41 -11.71 16.00
CA THR A 100 -32.01 -11.41 16.31
C THR A 100 -31.05 -11.11 15.17
N LEU A 101 -29.81 -10.79 15.56
CA LEU A 101 -28.72 -10.45 14.64
C LEU A 101 -28.50 -11.41 13.47
N ARG A 102 -27.99 -12.62 13.74
CA ARG A 102 -27.74 -13.59 12.67
C ARG A 102 -28.99 -14.11 11.97
N GLU A 103 -30.08 -13.39 12.14
CA GLU A 103 -31.35 -13.72 11.50
C GLU A 103 -31.51 -12.52 10.59
N LEU A 104 -31.07 -11.39 11.12
CA LEU A 104 -31.08 -10.12 10.42
C LEU A 104 -30.34 -10.40 9.14
N TYR A 105 -29.15 -11.00 9.27
CA TYR A 105 -28.33 -11.32 8.11
C TYR A 105 -29.09 -12.23 7.16
N TYR A 106 -30.25 -12.71 7.58
CA TYR A 106 -31.00 -13.57 6.70
C TYR A 106 -32.24 -12.90 6.12
N ILE A 107 -33.04 -12.29 6.99
CA ILE A 107 -34.25 -11.59 6.55
C ILE A 107 -33.81 -10.44 5.65
N SER A 108 -32.50 -10.29 5.51
CA SER A 108 -31.93 -9.25 4.68
C SER A 108 -31.60 -9.79 3.32
N GLU A 109 -31.45 -11.11 3.23
CA GLU A 109 -31.14 -11.73 1.95
C GLU A 109 -32.38 -11.65 1.05
N GLY A 110 -33.33 -10.82 1.46
CA GLY A 110 -34.54 -10.66 0.68
C GLY A 110 -34.48 -9.42 -0.19
N TRP A 111 -34.25 -8.28 0.42
CA TRP A 111 -34.18 -7.02 -0.33
C TRP A 111 -32.88 -6.83 -1.10
N ASP A 112 -32.92 -7.20 -2.37
CA ASP A 112 -31.77 -7.06 -3.26
C ASP A 112 -31.30 -5.60 -3.27
N TYR A 113 -30.36 -5.27 -4.15
CA TYR A 113 -29.78 -3.92 -4.23
C TYR A 113 -29.68 -3.35 -2.81
N ALA A 114 -29.71 -4.24 -1.81
CA ALA A 114 -29.67 -3.83 -0.41
C ALA A 114 -29.31 -4.95 0.57
N LYS A 115 -29.17 -6.19 0.09
CA LYS A 115 -28.84 -7.34 0.95
C LYS A 115 -27.57 -7.13 1.77
N PHE A 116 -27.04 -8.22 2.34
CA PHE A 116 -25.81 -8.13 3.13
C PHE A 116 -24.77 -9.15 2.73
N LYS A 117 -23.52 -8.71 2.67
CA LYS A 117 -22.43 -9.58 2.30
C LYS A 117 -21.82 -10.24 3.53
N GLU A 118 -22.04 -9.63 4.69
CA GLU A 118 -21.52 -10.19 5.93
C GLU A 118 -22.24 -9.63 7.15
N GLN A 119 -22.47 -10.52 8.11
CA GLN A 119 -23.14 -10.23 9.38
C GLN A 119 -22.40 -9.13 10.17
N GLY A 120 -21.44 -8.49 9.49
CA GLY A 120 -20.66 -7.43 10.11
C GLY A 120 -21.41 -6.13 9.99
N GLU A 121 -22.52 -6.22 9.26
CA GLU A 121 -23.39 -5.09 9.02
C GLU A 121 -24.34 -4.94 10.22
N SER A 122 -24.97 -6.04 10.63
CA SER A 122 -25.88 -5.99 11.76
C SER A 122 -25.49 -4.88 12.72
N ASP A 123 -24.28 -4.94 13.29
CA ASP A 123 -23.90 -3.90 14.23
C ASP A 123 -24.13 -2.51 13.67
N ARG A 124 -23.07 -1.87 13.17
CA ARG A 124 -23.15 -0.52 12.60
C ARG A 124 -24.58 0.00 12.57
N LEU A 125 -25.35 -0.45 11.58
CA LEU A 125 -26.74 -0.02 11.43
C LEU A 125 -27.46 -0.03 12.77
N ILE A 126 -27.76 -1.21 13.28
CA ILE A 126 -28.43 -1.31 14.58
C ILE A 126 -27.69 -0.46 15.62
N GLU A 127 -26.36 -0.41 15.55
CA GLU A 127 -25.62 0.39 16.52
C GLU A 127 -25.80 1.84 16.17
N ASP A 128 -26.16 2.11 14.92
CA ASP A 128 -26.39 3.47 14.47
C ASP A 128 -27.72 3.92 15.06
N LEU A 129 -28.74 3.08 14.93
CA LEU A 129 -30.08 3.38 15.46
C LEU A 129 -29.98 3.85 16.90
N GLU A 130 -29.16 3.17 17.69
CA GLU A 130 -28.99 3.54 19.09
C GLU A 130 -28.60 5.02 19.19
N ILE A 131 -27.90 5.53 18.17
CA ILE A 131 -27.45 6.92 18.17
C ILE A 131 -28.38 7.97 17.59
N LEU A 132 -29.10 7.60 16.53
CA LEU A 132 -29.98 8.55 15.87
C LEU A 132 -31.39 8.65 16.44
N THR A 133 -31.99 7.51 16.73
CA THR A 133 -33.33 7.50 17.28
C THR A 133 -33.30 7.44 18.79
N SER A 134 -32.12 7.65 19.37
CA SER A 134 -31.94 7.62 20.82
C SER A 134 -32.81 6.56 21.46
N LEU A 135 -32.63 5.32 21.01
CA LEU A 135 -33.39 4.20 21.54
C LEU A 135 -32.47 3.00 21.66
N GLN A 136 -32.12 2.64 22.89
CA GLN A 136 -31.24 1.51 23.09
C GLN A 136 -31.73 0.27 22.39
N ARG A 137 -30.95 -0.09 21.38
CA ARG A 137 -31.15 -1.27 20.55
C ARG A 137 -32.46 -2.00 20.85
N GLU A 138 -32.45 -2.84 21.87
CA GLU A 138 -33.63 -3.61 22.25
C GLU A 138 -34.96 -2.95 21.97
N TYR A 139 -35.13 -1.71 22.44
CA TYR A 139 -36.38 -0.98 22.23
C TYR A 139 -37.00 -1.34 20.90
N PHE A 140 -36.17 -1.42 19.87
CA PHE A 140 -36.63 -1.74 18.51
C PHE A 140 -37.13 -3.18 18.30
N HIS A 141 -37.17 -4.01 19.35
CA HIS A 141 -37.62 -5.39 19.21
C HIS A 141 -36.51 -6.33 18.73
N MET A 142 -35.37 -6.27 19.40
CA MET A 142 -34.19 -7.09 19.07
C MET A 142 -33.70 -7.94 20.23
N ARG A 143 -33.51 -9.23 19.99
CA ARG A 143 -33.03 -10.16 21.01
C ARG A 143 -31.54 -10.39 20.74
N PRO A 144 -30.76 -10.76 21.77
CA PRO A 144 -29.35 -10.95 21.46
C PRO A 144 -28.78 -12.37 21.58
N GLU A 145 -27.46 -12.41 21.70
CA GLU A 145 -26.70 -13.63 21.82
C GLU A 145 -26.32 -13.87 23.29
N GLU A 146 -27.13 -14.67 23.98
CA GLU A 146 -26.94 -15.02 25.40
C GLU A 146 -28.25 -15.13 26.16
N ASP A 147 -28.18 -15.28 27.47
CA ASP A 147 -29.37 -15.39 28.32
C ASP A 147 -29.08 -14.78 29.68
N GLY A 148 -29.73 -13.65 29.98
CA GLY A 148 -29.50 -12.98 31.26
C GLY A 148 -30.20 -13.62 32.46
N ALA A 149 -30.10 -14.94 32.58
CA ALA A 149 -30.72 -15.68 33.68
C ALA A 149 -30.11 -15.35 35.04
N THR A 150 -30.20 -16.31 35.94
CA THR A 150 -29.65 -16.21 37.29
C THR A 150 -30.02 -14.95 38.10
N MET A 151 -31.06 -15.10 38.92
CA MET A 151 -31.51 -14.01 39.80
C MET A 151 -32.34 -14.66 40.90
N PHE A 152 -32.14 -14.20 42.13
CA PHE A 152 -32.85 -14.75 43.28
C PHE A 152 -32.95 -13.75 44.43
N GLY A 153 -34.17 -13.45 44.87
CA GLY A 153 -34.35 -12.52 45.96
C GLY A 153 -35.80 -12.42 46.43
N PRO A 154 -36.10 -11.57 47.42
CA PRO A 154 -37.47 -11.41 47.93
C PRO A 154 -38.30 -10.28 47.29
N ILE A 155 -38.80 -10.50 46.06
CA ILE A 155 -39.62 -9.49 45.35
C ILE A 155 -40.40 -9.99 44.11
N GLU A 156 -41.69 -10.29 44.27
CA GLU A 156 -42.56 -10.78 43.19
C GLU A 156 -42.75 -9.78 42.03
N ILE A 157 -43.01 -10.30 40.82
CA ILE A 157 -43.21 -9.48 39.62
C ILE A 157 -43.73 -10.28 38.41
N THR A 158 -44.20 -9.57 37.37
CA THR A 158 -44.67 -10.15 36.09
C THR A 158 -44.19 -9.21 34.95
N GLU A 159 -44.29 -9.65 33.69
CA GLU A 159 -43.80 -8.84 32.54
C GLU A 159 -44.77 -8.19 31.51
N GLN A 160 -45.69 -8.98 30.96
CA GLN A 160 -46.74 -8.55 30.00
C GLN A 160 -46.86 -9.29 28.66
N THR A 161 -46.02 -8.94 27.69
CA THR A 161 -46.07 -9.55 26.36
C THR A 161 -45.60 -11.02 26.34
N LYS A 162 -45.52 -11.60 25.15
CA LYS A 162 -45.09 -12.99 24.94
C LYS A 162 -46.16 -14.03 25.25
N ARG A 163 -46.75 -13.93 26.44
CA ARG A 163 -47.79 -14.87 26.87
C ARG A 163 -48.63 -15.36 25.69
N GLY A 164 -49.18 -14.42 24.94
CA GLY A 164 -49.98 -14.78 23.80
C GLY A 164 -49.28 -14.39 22.51
N HIS A 169 -43.92 -16.51 41.46
CA HIS A 169 -43.44 -15.47 42.40
C HIS A 169 -41.92 -15.39 42.39
N CYS A 170 -41.39 -14.25 42.81
CA CYS A 170 -39.95 -14.05 42.85
C CYS A 170 -39.38 -14.27 44.24
N GLN A 171 -40.22 -14.10 45.25
CA GLN A 171 -39.83 -14.27 46.65
C GLN A 171 -39.21 -15.64 46.92
N LYS A 172 -40.03 -16.68 46.83
CA LYS A 172 -39.59 -18.06 47.10
C LYS A 172 -39.36 -18.88 45.84
N VAL A 174 -39.08 -17.53 42.57
CA VAL A 174 -39.42 -18.91 42.13
C VAL A 174 -38.20 -19.84 42.16
N GLY A 175 -38.50 -21.14 42.08
CA GLY A 175 -37.47 -22.19 42.08
C GLY A 175 -36.03 -21.89 42.45
N GLU A 176 -35.10 -22.39 41.64
CA GLU A 176 -33.65 -22.21 41.84
C GLU A 176 -33.07 -21.30 40.76
N GLY A 177 -33.28 -21.68 39.50
CA GLY A 177 -32.81 -20.86 38.39
C GLY A 177 -33.81 -19.72 38.28
N GLY A 178 -35.07 -20.07 38.53
CA GLY A 178 -36.16 -19.14 38.52
C GLY A 178 -36.27 -18.18 37.36
N TYR A 179 -36.33 -16.90 37.68
CA TYR A 179 -36.47 -15.90 36.66
C TYR A 179 -35.21 -15.64 35.88
N GLN A 180 -35.38 -15.54 34.57
CA GLN A 180 -34.30 -15.31 33.62
C GLN A 180 -34.69 -14.09 32.77
N ILE A 181 -34.48 -12.89 33.31
CA ILE A 181 -34.84 -11.66 32.60
C ILE A 181 -34.43 -11.83 31.15
N PRO A 182 -35.42 -11.89 30.25
CA PRO A 182 -35.04 -12.07 28.85
C PRO A 182 -35.16 -10.90 27.90
N PHE A 183 -34.14 -10.79 27.05
CA PHE A 183 -34.07 -9.81 25.98
C PHE A 183 -35.02 -8.61 26.07
N ASN A 184 -34.98 -7.91 27.20
CA ASN A 184 -35.83 -6.75 27.41
C ASN A 184 -35.74 -6.37 28.88
N VAL A 185 -35.97 -5.09 29.20
CA VAL A 185 -35.93 -4.65 30.59
C VAL A 185 -37.02 -3.62 30.84
N GLU A 186 -37.84 -3.38 29.83
CA GLU A 186 -38.92 -2.41 29.97
C GLU A 186 -40.31 -3.03 30.07
N ASN A 187 -40.34 -4.37 30.15
CA ASN A 187 -41.59 -5.10 30.34
C ASN A 187 -41.49 -5.35 31.83
N ILE A 188 -42.09 -4.47 32.61
CA ILE A 188 -42.00 -4.55 34.04
C ILE A 188 -43.23 -4.77 34.89
N GLU A 189 -43.01 -4.74 36.20
CA GLU A 189 -44.01 -4.91 37.24
C GLU A 189 -43.19 -4.98 38.52
N PHE A 190 -43.80 -4.62 39.65
CA PHE A 190 -43.09 -4.66 40.91
C PHE A 190 -44.06 -4.95 42.06
N GLN A 191 -44.11 -4.01 43.00
CA GLN A 191 -44.97 -4.10 44.18
C GLN A 191 -44.71 -5.32 45.08
N LYS A 192 -43.61 -5.21 45.80
CA LYS A 192 -43.10 -6.18 46.75
C LYS A 192 -41.61 -5.83 46.83
N HIS A 193 -41.22 -5.27 47.97
CA HIS A 193 -39.84 -4.83 48.22
C HIS A 193 -39.50 -4.97 49.71
N ASP A 194 -39.19 -6.18 50.14
CA ASP A 194 -38.84 -6.41 51.55
C ASP A 194 -37.35 -6.75 51.73
N ALA A 195 -36.55 -6.31 50.76
CA ALA A 195 -35.09 -6.49 50.77
C ALA A 195 -34.51 -5.10 50.52
N SER A 196 -33.52 -4.71 51.30
CA SER A 196 -32.94 -3.39 51.13
C SER A 196 -31.59 -3.29 50.42
N MET A 197 -31.12 -4.40 49.83
CA MET A 197 -29.84 -4.41 49.10
C MET A 197 -29.79 -5.48 48.00
N ILE A 198 -29.17 -5.12 46.88
CA ILE A 198 -29.05 -6.03 45.74
C ILE A 198 -27.64 -6.59 45.66
N ILE A 199 -27.47 -7.71 44.96
CA ILE A 199 -26.16 -8.32 44.88
C ILE A 199 -25.61 -8.72 43.52
N ALA A 200 -24.43 -8.18 43.22
CA ALA A 200 -23.72 -8.44 41.97
C ALA A 200 -22.54 -9.41 42.18
N ILE A 201 -22.72 -10.66 41.77
CA ILE A 201 -21.69 -11.69 41.92
C ILE A 201 -21.49 -12.46 40.63
N GLU A 202 -20.28 -12.96 40.41
CA GLU A 202 -19.99 -13.73 39.21
C GLU A 202 -19.22 -15.01 39.46
N THR A 203 -19.88 -16.14 39.16
CA THR A 203 -19.31 -17.47 39.31
C THR A 203 -20.41 -18.50 39.14
N GLY A 204 -20.10 -19.55 38.39
CA GLY A 204 -21.06 -20.62 38.20
C GLY A 204 -20.99 -21.44 39.47
N GLY A 205 -20.57 -20.76 40.54
CA GLY A 205 -20.45 -21.40 41.82
C GLY A 205 -20.70 -20.50 43.02
N MET A 206 -19.85 -19.49 43.24
CA MET A 206 -20.03 -18.59 44.38
C MET A 206 -21.49 -18.17 44.54
N TYR A 207 -22.11 -17.80 43.44
CA TYR A 207 -23.52 -17.41 43.47
C TYR A 207 -24.33 -18.65 43.85
N ALA A 208 -24.04 -19.76 43.17
CA ALA A 208 -24.73 -21.02 43.44
C ALA A 208 -24.71 -21.25 44.96
N ARG A 209 -23.52 -21.46 45.52
CA ARG A 209 -23.42 -21.69 46.94
C ARG A 209 -23.87 -20.51 47.78
N LEU A 210 -24.12 -19.36 47.14
CA LEU A 210 -24.59 -18.23 47.90
C LEU A 210 -26.10 -18.36 47.94
N MET A 211 -26.57 -19.50 47.42
CA MET A 211 -27.99 -19.86 47.38
C MET A 211 -28.26 -20.88 48.51
N GLU A 212 -27.61 -22.04 48.43
CA GLU A 212 -27.76 -23.10 49.44
C GLU A 212 -27.74 -22.47 50.82
N ASN A 213 -26.56 -22.07 51.25
CA ASN A 213 -26.42 -21.43 52.54
C ASN A 213 -27.43 -20.27 52.54
N GLY A 214 -27.59 -19.66 51.38
CA GLY A 214 -28.53 -18.56 51.24
C GLY A 214 -27.98 -17.19 51.56
N PHE A 215 -28.87 -16.32 51.98
CA PHE A 215 -28.58 -14.95 52.33
C PHE A 215 -29.90 -14.22 52.08
N ASP A 216 -30.71 -14.83 51.23
CA ASP A 216 -32.01 -14.30 50.81
C ASP A 216 -33.03 -13.93 51.88
N GLU A 217 -32.85 -14.41 53.12
CA GLU A 217 -33.82 -14.08 54.15
C GLU A 217 -33.38 -13.09 55.22
N ALA A 218 -32.81 -13.61 56.31
CA ALA A 218 -32.38 -12.78 57.43
C ALA A 218 -31.26 -11.81 57.06
N TYR A 219 -31.00 -11.66 55.77
CA TYR A 219 -29.97 -10.75 55.30
C TYR A 219 -30.33 -10.01 54.02
N ASN A 220 -31.61 -9.65 53.91
CA ASN A 220 -32.16 -8.89 52.78
C ASN A 220 -31.72 -9.45 51.41
N ALA A 221 -31.04 -8.60 50.67
CA ALA A 221 -30.49 -8.93 49.38
C ALA A 221 -31.45 -9.26 48.25
N ILE A 222 -30.87 -9.22 47.06
CA ILE A 222 -31.50 -9.53 45.78
C ILE A 222 -30.32 -10.07 44.99
N LEU A 223 -30.39 -11.33 44.62
CA LEU A 223 -29.31 -11.96 43.89
C LEU A 223 -29.41 -11.92 42.36
N VAL A 224 -28.25 -11.76 41.73
CA VAL A 224 -28.17 -11.72 40.28
C VAL A 224 -26.76 -12.08 39.84
N HIS A 225 -26.64 -13.26 39.24
CA HIS A 225 -25.37 -13.76 38.73
C HIS A 225 -25.21 -13.12 37.36
N LEU A 226 -24.03 -13.19 36.76
CA LEU A 226 -23.84 -12.53 35.47
C LEU A 226 -23.12 -13.29 34.36
N LYS A 227 -22.25 -14.22 34.71
CA LYS A 227 -21.47 -14.97 33.73
C LYS A 227 -20.72 -13.99 32.84
N GLY A 228 -19.43 -13.78 33.12
CA GLY A 228 -18.63 -12.86 32.33
C GLY A 228 -19.23 -11.48 32.14
N GLN A 229 -18.83 -10.80 31.07
CA GLN A 229 -19.35 -9.46 30.79
C GLN A 229 -20.88 -9.45 30.72
N PRO A 230 -21.51 -8.58 31.51
CA PRO A 230 -22.96 -8.42 31.57
C PRO A 230 -23.38 -7.36 30.57
N ALA A 231 -24.23 -7.73 29.62
CA ALA A 231 -24.68 -6.81 28.59
C ALA A 231 -26.04 -6.16 28.90
N ARG A 232 -26.95 -6.26 27.95
CA ARG A 232 -28.29 -5.67 28.06
C ARG A 232 -29.16 -6.22 29.18
N SER A 233 -29.89 -7.30 28.90
CA SER A 233 -30.78 -7.93 29.87
C SER A 233 -30.40 -7.54 31.27
N THR A 234 -29.32 -8.13 31.74
CA THR A 234 -28.80 -7.92 33.07
C THR A 234 -28.66 -6.44 33.46
N ARG A 235 -27.65 -5.77 32.92
CA ARG A 235 -27.38 -4.36 33.23
C ARG A 235 -28.58 -3.43 33.36
N ARG A 236 -29.33 -3.29 32.28
CA ARG A 236 -30.51 -2.41 32.30
C ARG A 236 -31.51 -2.81 33.37
N ILE A 237 -31.14 -3.82 34.15
CA ILE A 237 -31.96 -4.29 35.25
C ILE A 237 -31.31 -3.69 36.46
N ILE A 238 -29.98 -3.79 36.51
CA ILE A 238 -29.21 -3.24 37.60
C ILE A 238 -29.56 -1.78 37.71
N LYS A 239 -29.47 -1.09 36.58
CA LYS A 239 -29.77 0.32 36.53
C LYS A 239 -31.22 0.56 36.94
N ARG A 240 -32.15 -0.18 36.34
CA ARG A 240 -33.57 0.00 36.64
C ARG A 240 -33.92 0.00 38.13
N MET A 241 -33.00 -0.52 38.94
CA MET A 241 -33.24 -0.57 40.37
C MET A 241 -32.46 0.51 41.08
N ASN A 242 -31.42 1.02 40.43
CA ASN A 242 -30.61 2.08 41.02
C ASN A 242 -31.14 3.47 40.63
N GLU A 243 -32.35 3.51 40.10
CA GLU A 243 -32.96 4.78 39.72
C GLU A 243 -34.45 4.82 40.10
N GLU A 244 -35.15 3.73 39.84
CA GLU A 244 -36.58 3.65 40.14
C GLU A 244 -36.87 3.07 41.51
N LEU A 245 -35.83 2.85 42.31
CA LEU A 245 -36.00 2.28 43.64
C LEU A 245 -35.04 2.88 44.70
N GLY A 246 -34.03 3.63 44.26
CA GLY A 246 -33.07 4.24 45.18
C GLY A 246 -32.30 3.22 46.01
N ILE A 247 -32.44 1.96 45.62
CA ILE A 247 -31.83 0.79 46.27
C ILE A 247 -30.37 0.55 45.85
N PRO A 248 -29.43 0.55 46.80
CA PRO A 248 -28.01 0.31 46.50
C PRO A 248 -27.75 -0.98 45.70
N VAL A 249 -26.50 -1.12 45.22
CA VAL A 249 -26.05 -2.29 44.44
C VAL A 249 -24.51 -2.39 44.43
N ALA A 250 -23.98 -3.54 44.86
CA ALA A 250 -22.53 -3.72 44.89
C ALA A 250 -22.11 -4.89 44.02
N VAL A 251 -20.87 -4.79 43.57
CA VAL A 251 -20.28 -5.80 42.70
C VAL A 251 -19.30 -6.69 43.45
N PHE A 252 -19.42 -7.99 43.22
CA PHE A 252 -18.51 -8.97 43.81
C PHE A 252 -18.02 -9.88 42.71
N THR A 253 -16.78 -9.64 42.32
CA THR A 253 -16.12 -10.40 41.27
C THR A 253 -14.83 -10.96 41.84
N ASP A 254 -14.12 -11.70 41.00
CA ASP A 254 -12.85 -12.29 41.41
C ASP A 254 -11.87 -11.15 41.57
N GLY A 255 -10.62 -11.42 41.21
CA GLY A 255 -9.60 -10.40 41.31
C GLY A 255 -9.17 -9.96 39.93
N ASP A 256 -8.93 -10.93 39.04
CA ASP A 256 -8.48 -10.61 37.70
C ASP A 256 -9.12 -9.36 37.11
N PRO A 257 -8.32 -8.53 36.43
CA PRO A 257 -8.80 -7.30 35.83
C PRO A 257 -10.01 -7.61 34.97
N TRP A 258 -10.12 -8.87 34.56
CA TRP A 258 -11.22 -9.33 33.73
C TRP A 258 -12.55 -9.30 34.46
N SER A 259 -12.48 -9.00 35.75
CA SER A 259 -13.66 -8.90 36.61
C SER A 259 -13.80 -7.42 36.98
N TYR A 260 -12.67 -6.79 37.28
CA TYR A 260 -12.63 -5.39 37.66
C TYR A 260 -13.14 -4.51 36.50
N ARG A 261 -13.32 -5.13 35.34
CA ARG A 261 -13.81 -4.45 34.16
C ARG A 261 -15.31 -4.73 34.02
N ILE A 262 -15.79 -5.71 34.77
CA ILE A 262 -17.20 -6.07 34.75
C ILE A 262 -18.00 -5.11 35.61
N TYR A 263 -17.30 -4.38 36.45
CA TYR A 263 -17.95 -3.39 37.28
C TYR A 263 -18.07 -2.14 36.39
N ALA A 264 -17.03 -1.90 35.58
CA ALA A 264 -16.97 -0.76 34.67
C ALA A 264 -17.93 -0.90 33.50
N SER A 265 -18.38 -2.12 33.25
CA SER A 265 -19.33 -2.39 32.17
C SER A 265 -20.74 -2.30 32.75
N VAL A 266 -20.80 -1.87 34.01
CA VAL A 266 -22.05 -1.69 34.73
C VAL A 266 -21.90 -0.34 35.39
N ALA A 267 -20.65 0.06 35.55
CA ALA A 267 -20.29 1.33 36.16
C ALA A 267 -20.66 2.42 35.19
N TYR A 268 -20.53 2.12 33.90
CA TYR A 268 -20.86 3.05 32.84
C TYR A 268 -21.19 2.34 31.53
N GLY A 269 -20.24 2.33 30.59
CA GLY A 269 -20.49 1.69 29.32
C GLY A 269 -19.55 0.56 28.94
N ALA A 270 -19.32 0.42 27.63
CA ALA A 270 -18.46 -0.63 27.10
C ALA A 270 -19.04 -2.02 27.35
N PHE A 279 -28.30 4.23 29.23
CA PHE A 279 -29.17 3.24 29.96
C PHE A 279 -28.43 1.94 30.14
N MET A 280 -27.60 1.88 31.17
CA MET A 280 -26.83 0.70 31.52
C MET A 280 -25.72 1.13 32.48
N ALA A 281 -26.08 1.26 33.74
CA ALA A 281 -25.13 1.66 34.76
C ALA A 281 -25.73 1.59 36.15
N THR A 282 -25.08 2.26 37.07
CA THR A 282 -25.46 2.31 38.48
C THR A 282 -24.26 2.98 39.17
N PRO A 283 -23.68 4.02 38.54
CA PRO A 283 -22.51 4.76 39.04
C PRO A 283 -22.36 4.97 40.55
N ALA A 284 -23.48 5.21 41.24
CA ALA A 284 -23.44 5.44 42.68
C ALA A 284 -23.17 4.14 43.46
N ALA A 285 -22.76 3.09 42.75
CA ALA A 285 -22.48 1.80 43.36
C ALA A 285 -21.02 1.60 43.74
N LYS A 286 -20.78 0.65 44.65
CA LYS A 286 -19.43 0.35 45.09
C LYS A 286 -19.08 -1.12 44.87
N PHE A 287 -17.80 -1.46 45.04
CA PHE A 287 -17.30 -2.81 44.83
C PHE A 287 -16.82 -3.48 46.12
N LEU A 288 -17.67 -4.31 46.72
CA LEU A 288 -17.28 -5.03 47.92
C LEU A 288 -16.70 -6.36 47.44
N GLY A 289 -16.54 -6.46 46.13
CA GLY A 289 -15.98 -7.66 45.55
C GLY A 289 -14.53 -7.79 45.96
N LEU A 290 -13.89 -8.88 45.55
CA LEU A 290 -12.49 -9.09 45.93
C LEU A 290 -11.56 -7.94 45.57
N GLN A 291 -11.39 -7.02 46.50
CA GLN A 291 -10.50 -5.89 46.26
C GLN A 291 -9.15 -6.22 46.86
N PRO A 292 -8.07 -5.93 46.13
CA PRO A 292 -6.68 -6.17 46.54
C PRO A 292 -6.36 -5.94 48.01
N SER A 293 -7.12 -5.07 48.68
CA SER A 293 -6.88 -4.80 50.09
C SER A 293 -7.64 -5.75 51.00
N ASP A 294 -8.72 -6.33 50.49
CA ASP A 294 -9.51 -7.26 51.29
C ASP A 294 -9.08 -8.71 51.06
N ILE A 295 -7.78 -8.93 50.91
CA ILE A 295 -7.24 -10.27 50.72
C ILE A 295 -5.84 -10.39 51.30
N VAL A 296 -5.19 -9.24 51.50
CA VAL A 296 -3.85 -9.19 52.08
C VAL A 296 -3.98 -9.70 53.50
N GLU A 297 -5.00 -9.18 54.19
CA GLU A 297 -5.29 -9.50 55.58
C GLU A 297 -6.10 -10.80 55.73
N TYR A 298 -6.79 -11.18 54.67
CA TYR A 298 -7.59 -12.40 54.71
C TYR A 298 -6.88 -13.64 54.20
N GLU A 299 -5.62 -13.82 54.62
CA GLU A 299 -4.82 -14.99 54.21
C GLU A 299 -5.08 -15.42 52.77
N LEU A 300 -5.99 -16.38 52.59
CA LEU A 300 -6.36 -16.90 51.28
C LEU A 300 -5.24 -17.38 50.39
N SER A 301 -5.46 -18.54 49.77
CA SER A 301 -4.45 -19.09 48.89
C SER A 301 -4.31 -18.06 47.78
N THR A 302 -3.48 -18.35 46.79
CA THR A 302 -3.27 -17.40 45.69
C THR A 302 -3.02 -18.07 44.35
N ASP A 303 -2.19 -17.43 43.52
CA ASP A 303 -1.82 -17.94 42.20
C ASP A 303 -0.97 -16.92 41.44
N LYS A 304 -0.09 -17.40 40.56
CA LYS A 304 0.79 -16.51 39.79
C LYS A 304 0.05 -15.98 38.57
N LEU A 305 0.29 -14.71 38.25
CA LEU A 305 -0.33 -14.02 37.13
C LEU A 305 0.62 -13.99 35.92
N THR A 306 0.11 -13.66 34.75
CA THR A 306 0.97 -13.64 33.56
C THR A 306 1.11 -12.30 32.87
N GLU A 307 1.75 -12.36 31.71
CA GLU A 307 2.02 -11.22 30.87
C GLU A 307 0.78 -10.44 30.45
N GLN A 308 -0.23 -11.15 29.93
CA GLN A 308 -1.47 -10.50 29.48
C GLN A 308 -2.16 -9.70 30.56
N ASP A 309 -1.85 -9.99 31.82
CA ASP A 309 -2.45 -9.29 32.95
C ASP A 309 -1.70 -8.01 33.29
N VAL A 310 -0.39 -8.12 33.44
CA VAL A 310 0.44 -6.96 33.79
C VAL A 310 0.29 -5.85 32.77
N SER A 311 -0.01 -6.22 31.52
CA SER A 311 -0.20 -5.25 30.44
C SER A 311 -1.64 -4.74 30.54
N ALA A 312 -2.43 -5.42 31.35
CA ALA A 312 -3.82 -5.06 31.58
C ALA A 312 -3.94 -4.13 32.79
N LEU A 313 -2.92 -4.17 33.66
CA LEU A 313 -2.89 -3.35 34.87
C LEU A 313 -2.46 -1.91 34.57
N ARG A 314 -1.55 -1.75 33.61
CA ARG A 314 -1.07 -0.43 33.20
C ARG A 314 -2.07 0.18 32.23
N SER A 315 -3.14 -0.57 31.94
CA SER A 315 -4.19 -0.12 31.04
C SER A 315 -5.37 0.46 31.84
N GLU A 316 -5.56 -0.01 33.08
CA GLU A 316 -6.64 0.49 33.93
C GLU A 316 -6.11 1.61 34.81
N LEU A 317 -5.00 2.21 34.38
CA LEU A 317 -4.35 3.31 35.08
C LEU A 317 -3.78 4.33 34.10
N SER A 318 -3.04 3.86 33.10
CA SER A 318 -2.49 4.75 32.07
C SER A 318 -3.60 5.07 31.07
N ASP A 319 -4.83 4.85 31.52
CA ASP A 319 -6.06 5.13 30.77
C ASP A 319 -7.15 5.27 31.83
N PRO A 320 -7.24 6.48 32.42
CA PRO A 320 -8.16 6.93 33.47
C PRO A 320 -9.66 6.86 33.22
N ARG A 321 -10.16 5.65 33.06
CA ARG A 321 -11.59 5.52 32.87
C ARG A 321 -12.10 4.99 34.19
N PHE A 322 -12.79 5.85 34.92
CA PHE A 322 -13.29 5.49 36.23
C PHE A 322 -12.09 5.07 37.06
N GLU A 323 -11.01 5.80 36.93
CA GLU A 323 -9.78 5.49 37.67
C GLU A 323 -9.61 6.33 38.94
N SER A 324 -10.60 6.29 39.84
CA SER A 324 -10.55 7.04 41.10
C SER A 324 -9.26 6.71 41.85
N ASP A 325 -8.92 7.50 42.86
CA ASP A 325 -7.71 7.24 43.64
C ASP A 325 -7.91 6.06 44.59
N TYR A 326 -9.11 5.46 44.55
CA TYR A 326 -9.44 4.33 45.41
C TYR A 326 -9.43 3.01 44.65
N TRP A 327 -9.53 3.10 43.33
CA TRP A 327 -9.46 1.92 42.48
C TRP A 327 -8.04 1.96 41.92
N LYS A 328 -7.35 3.04 42.25
CA LYS A 328 -5.96 3.28 41.84
C LYS A 328 -5.08 2.77 42.97
N GLU A 329 -5.57 2.95 44.21
CA GLU A 329 -4.88 2.54 45.43
C GLU A 329 -4.89 1.00 45.58
N GLN A 330 -6.08 0.40 45.54
CA GLN A 330 -6.17 -1.04 45.66
C GLN A 330 -5.54 -1.71 44.45
N ILE A 331 -5.58 -1.04 43.30
CA ILE A 331 -4.97 -1.61 42.12
C ILE A 331 -3.46 -1.60 42.31
N GLN A 332 -2.92 -0.48 42.78
CA GLN A 332 -1.48 -0.37 43.02
C GLN A 332 -1.00 -1.59 43.81
N LEU A 333 -1.90 -2.14 44.61
CA LEU A 333 -1.62 -3.30 45.44
C LEU A 333 -1.35 -4.47 44.53
N GLN A 334 -2.03 -4.47 43.39
CA GLN A 334 -1.85 -5.52 42.41
C GLN A 334 -0.41 -5.51 41.91
N LEU A 335 0.10 -4.32 41.63
CA LEU A 335 1.49 -4.15 41.14
C LEU A 335 2.46 -4.76 42.13
N ASP A 336 2.18 -4.52 43.41
CA ASP A 336 3.01 -5.02 44.50
C ASP A 336 2.90 -6.53 44.69
N ILE A 337 1.86 -6.97 45.40
CA ILE A 337 1.63 -8.39 45.66
C ILE A 337 2.06 -9.32 44.54
N GLY A 338 1.81 -8.89 43.31
CA GLY A 338 2.19 -9.70 42.17
C GLY A 338 1.62 -11.11 42.23
N LYS A 339 0.30 -11.21 42.32
CA LYS A 339 -0.40 -12.50 42.36
C LYS A 339 -1.89 -12.28 42.07
N LYS A 340 -2.61 -13.34 41.69
CA LYS A 340 -4.04 -13.24 41.37
C LYS A 340 -4.90 -13.48 42.60
N ALA A 341 -6.15 -13.89 42.39
CA ALA A 341 -7.05 -14.16 43.50
C ALA A 341 -8.42 -14.63 43.05
N GLU A 342 -8.64 -15.94 43.04
CA GLU A 342 -9.93 -16.51 42.62
C GLU A 342 -11.05 -15.86 43.42
N GLN A 343 -12.29 -16.20 43.13
CA GLN A 343 -13.40 -15.59 43.86
C GLN A 343 -14.03 -16.51 44.90
N GLN A 344 -14.13 -17.80 44.58
CA GLN A 344 -14.73 -18.77 45.49
C GLN A 344 -13.73 -19.28 46.54
N ALA A 345 -12.51 -18.75 46.47
CA ALA A 345 -11.42 -19.12 47.37
C ALA A 345 -11.69 -19.13 48.87
N PHE A 346 -12.65 -18.33 49.32
CA PHE A 346 -12.95 -18.29 50.74
C PHE A 346 -13.14 -19.72 51.26
N ALA A 347 -13.70 -20.57 50.41
CA ALA A 347 -13.96 -21.97 50.77
C ALA A 347 -12.74 -22.61 51.42
N GLY A 348 -11.57 -22.02 51.19
CA GLY A 348 -10.34 -22.54 51.77
C GLY A 348 -10.35 -22.33 53.27
N LYS A 349 -10.97 -21.25 53.71
CA LYS A 349 -11.05 -20.94 55.12
C LYS A 349 -12.49 -21.17 55.59
N GLY A 350 -12.98 -22.40 55.48
CA GLY A 350 -14.34 -22.71 55.91
C GLY A 350 -15.37 -22.62 54.80
N LEU A 351 -16.29 -23.59 54.71
CA LEU A 351 -17.34 -23.62 53.67
C LEU A 351 -18.47 -22.66 54.02
N ASP A 352 -18.80 -22.61 55.30
CA ASP A 352 -19.83 -21.71 55.76
C ASP A 352 -19.18 -20.36 56.06
N PHE A 353 -18.06 -20.06 55.39
CA PHE A 353 -17.31 -18.81 55.64
C PHE A 353 -17.80 -17.57 54.90
N VAL A 354 -17.96 -17.67 53.58
CA VAL A 354 -18.41 -16.54 52.79
C VAL A 354 -19.73 -16.05 53.35
N THR A 355 -20.65 -16.99 53.52
CA THR A 355 -21.98 -16.72 54.02
C THR A 355 -21.98 -16.23 55.47
N GLU A 356 -20.79 -16.15 56.07
CA GLU A 356 -20.67 -15.72 57.45
C GLU A 356 -19.76 -14.53 57.70
N VAL A 357 -18.48 -14.70 57.38
CA VAL A 357 -17.49 -13.66 57.61
C VAL A 357 -17.30 -12.53 56.61
N TYR A 358 -16.67 -12.82 55.48
CA TYR A 358 -16.39 -11.78 54.49
C TYR A 358 -17.51 -10.79 54.17
N LEU A 359 -18.53 -11.27 53.46
CA LEU A 359 -19.64 -10.40 53.08
C LEU A 359 -20.03 -9.41 54.19
N PRO A 360 -20.63 -9.90 55.29
CA PRO A 360 -21.00 -8.94 56.34
C PRO A 360 -19.82 -8.09 56.77
N ASN A 361 -18.77 -8.73 57.27
CA ASN A 361 -17.56 -8.07 57.73
C ASN A 361 -17.23 -6.83 56.88
N ARG A 362 -17.11 -7.03 55.59
CA ARG A 362 -16.79 -5.97 54.64
C ARG A 362 -17.99 -5.05 54.38
N LEU A 363 -19.19 -5.59 54.62
CA LEU A 363 -20.46 -4.89 54.38
C LEU A 363 -20.90 -3.84 55.40
N LYS A 364 -20.34 -3.85 56.61
CA LYS A 364 -20.72 -2.87 57.62
C LYS A 364 -19.98 -1.55 57.38
N GLU A 365 -18.74 -1.64 56.93
CA GLU A 365 -17.96 -0.45 56.63
C GLU A 365 -18.13 -0.26 55.13
N MET A 366 -19.31 0.20 54.78
CA MET A 366 -19.75 0.47 53.41
C MET A 366 -18.61 0.91 52.48
N GLY A 367 -17.66 1.67 53.01
CA GLY A 367 -16.55 2.15 52.21
C GLY A 367 -15.24 2.31 52.95
N LYS B 11 43.46 -0.30 -10.08
CA LYS B 11 43.58 -1.78 -10.22
C LYS B 11 45.05 -2.22 -10.28
N LYS B 12 45.97 -1.27 -10.16
CA LYS B 12 47.40 -1.53 -10.17
C LYS B 12 47.94 -2.44 -11.30
N GLN B 13 49.27 -2.50 -11.40
CA GLN B 13 49.98 -3.32 -12.39
C GLN B 13 50.96 -4.30 -11.72
N LYS B 14 50.56 -4.78 -10.54
CA LYS B 14 51.29 -5.75 -9.70
C LYS B 14 52.82 -5.83 -9.80
N SER B 15 53.34 -7.03 -9.49
CA SER B 15 54.77 -7.33 -9.52
C SER B 15 55.04 -8.85 -9.56
N ILE B 16 54.93 -9.52 -8.41
CA ILE B 16 55.18 -10.97 -8.32
C ILE B 16 54.26 -11.78 -7.38
N SER B 17 53.13 -12.26 -7.93
CA SER B 17 52.11 -13.06 -7.25
C SER B 17 50.84 -13.06 -8.13
N VAL B 18 50.28 -14.24 -8.41
CA VAL B 18 49.10 -14.33 -9.29
C VAL B 18 47.74 -14.77 -8.75
N ALA B 19 47.69 -15.95 -8.15
CA ALA B 19 46.47 -16.52 -7.57
C ALA B 19 46.12 -15.71 -6.34
N GLU B 20 47.14 -15.36 -5.58
CA GLU B 20 47.00 -14.56 -4.39
C GLU B 20 46.12 -13.34 -4.72
N PHE B 21 46.58 -12.51 -5.66
CA PHE B 21 45.86 -11.28 -6.08
C PHE B 21 44.37 -11.53 -5.97
N PHE B 22 43.99 -12.73 -6.34
CA PHE B 22 42.61 -13.14 -6.30
C PHE B 22 42.10 -13.36 -4.89
N GLU B 23 42.51 -14.47 -4.29
CA GLU B 23 42.14 -14.83 -2.95
C GLU B 23 42.19 -13.63 -1.98
N LYS B 24 42.94 -12.59 -2.36
CA LYS B 24 43.06 -11.37 -1.53
C LYS B 24 41.99 -10.34 -1.89
N ASN B 25 41.58 -10.33 -3.16
CA ASN B 25 40.54 -9.43 -3.59
C ASN B 25 39.35 -10.35 -3.84
N ARG B 26 39.40 -11.50 -3.19
CA ARG B 26 38.41 -12.58 -3.26
C ARG B 26 36.98 -12.11 -3.06
N GLN B 27 36.78 -10.80 -3.00
CA GLN B 27 35.45 -10.25 -2.83
C GLN B 27 35.38 -8.94 -3.59
N ILE B 28 36.28 -8.00 -3.30
CA ILE B 28 36.27 -6.69 -3.98
C ILE B 28 36.12 -6.95 -5.46
N LEU B 29 36.43 -8.18 -5.84
CA LEU B 29 36.35 -8.61 -7.23
C LEU B 29 34.95 -9.10 -7.53
N GLY B 30 34.47 -10.01 -6.69
CA GLY B 30 33.15 -10.56 -6.87
C GLY B 30 33.18 -12.07 -6.86
N PHE B 31 33.11 -12.67 -5.69
CA PHE B 31 33.14 -14.12 -5.58
C PHE B 31 32.90 -14.64 -4.19
N ASP B 32 32.81 -13.74 -3.22
CA ASP B 32 32.60 -14.15 -1.85
C ASP B 32 31.85 -15.47 -1.68
N SER B 33 30.53 -15.48 -1.86
CA SER B 33 29.77 -16.71 -1.64
C SER B 33 29.27 -17.51 -2.83
N ALA B 34 28.96 -18.78 -2.55
CA ALA B 34 28.42 -19.76 -3.51
C ALA B 34 27.42 -19.17 -4.49
N PRO B 35 26.47 -18.35 -3.98
CA PRO B 35 25.44 -17.70 -4.80
C PRO B 35 26.01 -16.68 -5.78
N ARG B 36 26.86 -15.76 -5.30
CA ARG B 36 27.44 -14.77 -6.20
C ARG B 36 28.64 -15.31 -6.98
N SER B 37 29.06 -16.53 -6.66
CA SER B 37 30.19 -17.11 -7.36
C SER B 37 29.82 -17.24 -8.81
N LEU B 38 28.73 -17.97 -9.04
CA LEU B 38 28.24 -18.22 -10.38
C LEU B 38 27.86 -16.98 -11.11
N ILE B 39 26.93 -16.22 -10.56
CA ILE B 39 26.47 -14.99 -11.18
C ILE B 39 27.57 -14.05 -11.65
N THR B 40 28.67 -14.00 -10.91
CA THR B 40 29.77 -13.14 -11.33
C THR B 40 30.27 -13.67 -12.65
N THR B 41 30.46 -14.99 -12.73
CA THR B 41 30.92 -15.62 -13.96
C THR B 41 30.05 -15.12 -15.14
N VAL B 42 28.73 -15.20 -15.00
CA VAL B 42 27.82 -14.73 -16.07
C VAL B 42 27.84 -13.21 -16.13
N LYS B 43 28.02 -12.54 -15.00
CA LYS B 43 28.06 -11.07 -14.98
C LYS B 43 29.14 -10.60 -15.95
N GLU B 44 29.96 -11.54 -16.41
CA GLU B 44 31.01 -11.23 -17.35
C GLU B 44 30.58 -11.79 -18.66
N ALA B 45 30.68 -13.12 -18.71
CA ALA B 45 30.34 -13.90 -19.88
C ALA B 45 29.44 -13.14 -20.84
N VAL B 46 28.24 -12.82 -20.35
CA VAL B 46 27.24 -12.16 -21.16
C VAL B 46 27.59 -10.79 -21.69
N ASP B 47 28.51 -10.10 -21.06
CA ASP B 47 28.83 -8.78 -21.54
C ASP B 47 29.91 -8.76 -22.58
N ASN B 48 30.89 -9.64 -22.43
CA ASN B 48 31.93 -9.69 -23.44
C ASN B 48 31.19 -9.85 -24.75
N ALA B 49 30.27 -10.81 -24.78
CA ALA B 49 29.46 -11.08 -25.97
C ALA B 49 28.82 -9.81 -26.54
N LEU B 50 27.99 -9.13 -25.76
CA LEU B 50 27.35 -7.92 -26.24
C LEU B 50 28.43 -6.92 -26.67
N ASP B 51 29.51 -6.88 -25.90
CA ASP B 51 30.62 -5.98 -26.20
C ASP B 51 31.14 -6.35 -27.57
N ALA B 52 31.23 -7.64 -27.82
CA ALA B 52 31.71 -8.13 -29.10
C ALA B 52 30.72 -7.70 -30.16
N CYS B 53 29.73 -8.54 -30.43
CA CYS B 53 28.70 -8.26 -31.44
C CYS B 53 28.41 -6.79 -31.68
N GLU B 54 27.99 -6.08 -30.63
CA GLU B 54 27.65 -4.67 -30.76
C GLU B 54 28.62 -3.91 -31.66
N GLU B 55 29.78 -4.52 -31.91
CA GLU B 55 30.78 -3.92 -32.76
C GLU B 55 30.49 -4.00 -34.25
N ALA B 56 30.17 -5.18 -34.78
CA ALA B 56 29.88 -5.26 -36.20
C ALA B 56 28.97 -6.42 -36.54
N GLY B 57 28.53 -7.16 -35.52
CA GLY B 57 27.72 -8.34 -35.76
C GLY B 57 26.27 -8.59 -35.32
N ILE B 58 25.41 -7.57 -35.38
CA ILE B 58 23.94 -7.64 -35.09
C ILE B 58 23.27 -8.21 -33.82
N LEU B 59 21.93 -8.09 -33.74
CA LEU B 59 21.14 -8.61 -32.62
C LEU B 59 21.79 -9.91 -32.24
N PRO B 60 22.63 -9.90 -31.22
CA PRO B 60 23.29 -11.12 -30.82
C PRO B 60 22.39 -11.97 -29.90
N ASP B 61 22.37 -13.27 -30.10
CA ASP B 61 21.56 -14.16 -29.25
C ASP B 61 22.50 -14.92 -28.34
N ILE B 62 22.10 -15.14 -27.11
CA ILE B 62 22.99 -15.87 -26.23
C ILE B 62 22.33 -16.94 -25.39
N LEU B 63 22.76 -18.17 -25.60
CA LEU B 63 22.24 -19.30 -24.85
C LEU B 63 23.20 -19.44 -23.73
N VAL B 64 22.68 -19.68 -22.54
CA VAL B 64 23.52 -19.83 -21.37
C VAL B 64 22.94 -20.85 -20.44
N GLN B 65 23.61 -21.99 -20.36
CA GLN B 65 23.15 -23.08 -19.53
C GLN B 65 23.94 -23.09 -18.23
N VAL B 66 23.73 -24.17 -17.46
CA VAL B 66 24.39 -24.45 -16.18
C VAL B 66 23.81 -25.77 -15.66
N GLU B 67 24.54 -26.85 -15.87
CA GLU B 67 24.09 -28.16 -15.41
C GLU B 67 24.58 -28.38 -13.98
N ARG B 68 23.99 -29.37 -13.33
CA ARG B 68 24.44 -29.66 -11.99
C ARG B 68 25.49 -30.73 -12.16
N THR B 69 26.68 -30.44 -11.67
CA THR B 69 27.78 -31.38 -11.75
C THR B 69 28.21 -31.70 -10.33
N GLY B 70 28.00 -32.94 -9.91
CA GLY B 70 28.38 -33.35 -8.58
C GLY B 70 27.68 -32.70 -7.41
N PRO B 71 28.28 -32.77 -6.21
CA PRO B 71 27.84 -32.24 -4.92
C PRO B 71 27.60 -30.73 -4.84
N ASP B 72 28.56 -29.94 -5.34
CA ASP B 72 28.40 -28.51 -5.29
C ASP B 72 29.26 -27.75 -6.30
N TYR B 73 29.45 -28.37 -7.46
CA TYR B 73 30.22 -27.80 -8.55
C TYR B 73 29.20 -27.58 -9.67
N VAL B 74 29.56 -26.78 -10.67
CA VAL B 74 28.64 -26.48 -11.77
C VAL B 74 29.36 -26.25 -13.12
N THR B 75 28.67 -26.54 -14.22
CA THR B 75 29.21 -26.33 -15.57
C THR B 75 28.34 -25.22 -16.18
N VAL B 76 28.96 -24.24 -16.81
CA VAL B 76 28.19 -23.15 -17.38
C VAL B 76 28.50 -22.96 -18.87
N ILE B 77 27.53 -23.16 -19.77
CA ILE B 77 27.78 -22.98 -21.19
C ILE B 77 27.31 -21.57 -21.58
N ILE B 78 28.08 -20.88 -22.41
CA ILE B 78 27.75 -19.52 -22.84
C ILE B 78 28.01 -19.35 -24.33
N GLU B 79 27.06 -19.77 -25.17
CA GLU B 79 27.23 -19.67 -26.63
C GLU B 79 27.16 -18.21 -27.08
N ASP B 80 28.11 -17.81 -27.93
CA ASP B 80 28.19 -16.46 -28.47
C ASP B 80 27.29 -16.28 -29.70
N ASN B 81 27.83 -15.77 -30.78
CA ASN B 81 27.06 -15.54 -32.00
C ASN B 81 27.70 -14.32 -32.60
N GLY B 82 28.76 -13.88 -31.94
CA GLY B 82 29.48 -12.72 -32.39
C GLY B 82 30.34 -13.12 -33.55
N PRO B 83 31.52 -12.53 -33.70
CA PRO B 83 32.45 -12.81 -34.78
C PRO B 83 33.53 -13.80 -34.40
N GLY B 84 33.36 -14.48 -33.28
CA GLY B 84 34.40 -15.41 -32.88
C GLY B 84 35.68 -14.65 -32.56
N ILE B 85 36.69 -15.36 -32.06
CA ILE B 85 37.95 -14.69 -31.69
C ILE B 85 39.24 -15.29 -32.25
N VAL B 86 40.09 -14.39 -32.72
CA VAL B 86 41.37 -14.70 -33.34
C VAL B 86 42.21 -15.64 -32.48
N ARG B 87 42.71 -16.72 -33.09
CA ARG B 87 43.53 -17.72 -32.40
C ARG B 87 44.63 -17.18 -31.45
N GLU B 88 45.33 -16.13 -31.85
CA GLU B 88 46.41 -15.55 -31.02
C GLU B 88 45.88 -14.39 -30.20
N GLN B 89 44.62 -14.48 -29.81
CA GLN B 89 44.02 -13.42 -29.04
C GLN B 89 43.18 -14.02 -27.93
N ILE B 90 43.24 -15.34 -27.79
CA ILE B 90 42.49 -15.96 -26.72
C ILE B 90 43.11 -15.52 -25.42
N PRO B 91 44.40 -15.82 -25.23
CA PRO B 91 45.06 -15.43 -23.99
C PRO B 91 44.71 -14.02 -23.57
N LYS B 92 44.75 -13.10 -24.52
CA LYS B 92 44.46 -11.70 -24.25
C LYS B 92 43.01 -11.39 -23.83
N VAL B 93 42.05 -12.20 -24.27
CA VAL B 93 40.68 -11.95 -23.89
C VAL B 93 40.19 -12.86 -22.78
N PHE B 94 40.88 -13.97 -22.52
CA PHE B 94 40.46 -14.89 -21.45
C PHE B 94 41.42 -14.93 -20.28
N ALA B 95 42.29 -13.94 -20.24
CA ALA B 95 43.24 -13.78 -19.17
C ALA B 95 43.28 -12.28 -19.10
N LYS B 96 43.75 -11.75 -18.00
CA LYS B 96 43.83 -10.30 -17.88
C LYS B 96 44.94 -9.85 -16.98
N LEU B 97 46.04 -9.53 -17.66
CA LEU B 97 47.28 -9.04 -17.10
C LEU B 97 47.67 -8.00 -18.17
N LEU B 98 47.04 -6.83 -18.10
CA LEU B 98 47.24 -5.74 -19.04
C LEU B 98 47.24 -4.42 -18.24
N TYR B 99 48.03 -3.45 -18.67
CA TYR B 99 48.07 -2.16 -17.97
C TYR B 99 48.30 -0.96 -18.89
N GLY B 100 48.54 0.22 -18.32
CA GLY B 100 48.77 1.40 -19.12
C GLY B 100 47.70 2.46 -18.95
N PHE B 103 45.47 3.91 -20.54
CA PHE B 103 44.82 4.23 -21.83
C PHE B 103 43.31 3.97 -21.84
N HIS B 104 42.66 4.38 -22.92
CA HIS B 104 41.23 4.19 -23.12
C HIS B 104 40.32 4.75 -22.04
N ALA B 105 39.61 5.82 -22.39
CA ALA B 105 38.67 6.50 -21.50
C ALA B 105 37.34 6.73 -22.22
N LEU B 106 36.75 5.66 -22.75
CA LEU B 106 35.47 5.70 -23.46
C LEU B 106 34.38 4.98 -22.66
N LYS B 107 33.11 5.29 -22.95
CA LYS B 107 31.98 4.73 -22.23
C LYS B 107 32.02 3.26 -21.80
N SER B 109 32.80 0.47 -21.02
CA SER B 109 31.41 0.05 -21.30
C SER B 109 30.86 -0.63 -20.07
N ARG B 110 30.98 -1.96 -20.07
CA ARG B 110 30.53 -2.77 -18.97
C ARG B 110 31.65 -2.88 -17.95
N GLY B 111 31.96 -4.12 -17.57
CA GLY B 111 33.02 -4.39 -16.59
C GLY B 111 34.05 -3.30 -16.48
N GLN B 112 34.40 -2.92 -15.26
CA GLN B 112 35.39 -1.87 -15.08
C GLN B 112 36.80 -2.32 -15.41
N GLN B 113 37.09 -2.19 -16.69
CA GLN B 113 38.37 -2.52 -17.30
C GLN B 113 38.94 -3.92 -17.23
N GLY B 114 38.65 -4.64 -18.31
CA GLY B 114 39.10 -6.00 -18.54
C GLY B 114 38.96 -7.09 -17.49
N ILE B 115 39.28 -6.74 -16.25
CA ILE B 115 39.22 -7.68 -15.13
C ILE B 115 38.19 -8.79 -15.34
N GLY B 116 37.32 -8.58 -16.33
CA GLY B 116 36.27 -9.53 -16.67
C GLY B 116 36.61 -10.99 -16.72
N ILE B 117 36.00 -11.67 -17.68
CA ILE B 117 36.14 -13.11 -17.89
C ILE B 117 37.36 -13.77 -17.26
N SER B 118 38.50 -13.06 -17.25
CA SER B 118 39.71 -13.61 -16.67
C SER B 118 39.33 -14.18 -15.31
N ALA B 119 38.73 -13.34 -14.47
CA ALA B 119 38.30 -13.72 -13.14
C ALA B 119 37.61 -15.07 -13.19
N ALA B 120 36.62 -15.15 -14.05
CA ALA B 120 35.86 -16.37 -14.20
C ALA B 120 36.80 -17.55 -14.43
N VAL B 121 37.55 -17.52 -15.53
CA VAL B 121 38.44 -18.63 -15.86
C VAL B 121 39.14 -19.12 -14.63
N LEU B 122 39.73 -18.15 -13.93
CA LEU B 122 40.50 -18.39 -12.71
C LEU B 122 39.81 -19.18 -11.61
N TYR B 123 38.67 -18.67 -11.18
CA TYR B 123 37.89 -19.29 -10.14
C TYR B 123 37.58 -20.73 -10.52
N ALA B 124 37.13 -20.93 -11.76
CA ALA B 124 36.81 -22.26 -12.25
C ALA B 124 38.08 -23.07 -12.21
N GLN B 125 39.08 -22.55 -12.88
CA GLN B 125 40.38 -23.19 -12.93
C GLN B 125 40.82 -23.55 -11.52
N MET B 126 40.58 -22.66 -10.56
CA MET B 126 40.98 -22.89 -9.19
C MET B 126 40.04 -23.69 -8.30
N THR B 127 38.74 -23.49 -8.44
CA THR B 127 37.84 -24.24 -7.60
C THR B 127 37.81 -25.70 -8.01
N ALA B 128 37.20 -26.01 -9.13
CA ALA B 128 37.17 -27.40 -9.56
C ALA B 128 38.51 -27.74 -10.18
N GLY B 129 38.94 -26.95 -11.16
CA GLY B 129 40.22 -27.18 -11.79
C GLY B 129 40.31 -27.60 -13.25
N ARG B 130 39.21 -28.09 -13.82
CA ARG B 130 39.20 -28.53 -15.22
C ARG B 130 39.43 -27.43 -16.25
N HIS B 131 40.69 -27.30 -16.66
CA HIS B 131 41.14 -26.30 -17.64
C HIS B 131 40.14 -25.17 -17.95
N THR B 132 39.38 -25.30 -19.01
CA THR B 132 38.39 -24.30 -19.46
C THR B 132 38.14 -24.54 -20.94
N LYS B 133 36.96 -25.01 -21.31
CA LYS B 133 36.64 -25.24 -22.71
C LYS B 133 36.28 -23.95 -23.48
N ILE B 134 36.72 -23.85 -24.74
CA ILE B 134 36.43 -22.69 -25.57
C ILE B 134 36.25 -23.20 -26.98
N LEU B 135 35.34 -22.63 -27.74
CA LEU B 135 35.12 -23.09 -29.12
C LEU B 135 34.70 -21.89 -29.97
N SER B 136 35.31 -21.73 -31.16
CA SER B 136 34.92 -20.61 -32.04
C SER B 136 35.14 -20.81 -33.56
N LYS B 137 34.34 -20.09 -34.33
CA LYS B 137 34.35 -20.07 -35.78
C LYS B 137 34.24 -18.59 -36.23
N THR B 138 35.14 -18.17 -37.13
CA THR B 138 35.17 -16.79 -37.63
C THR B 138 34.09 -16.50 -38.67
N SER B 139 33.96 -17.37 -39.64
CA SER B 139 32.97 -17.17 -40.68
C SER B 139 32.79 -18.49 -41.39
N PRO B 140 31.66 -18.64 -42.11
CA PRO B 140 31.22 -19.81 -42.90
C PRO B 140 32.22 -20.93 -43.24
N THR B 141 33.24 -20.63 -44.04
CA THR B 141 34.27 -21.61 -44.42
C THR B 141 35.50 -21.20 -43.67
N ALA B 142 35.85 -21.99 -42.67
CA ALA B 142 37.01 -21.71 -41.86
C ALA B 142 37.12 -22.82 -40.84
N PRO B 143 38.30 -23.01 -40.29
CA PRO B 143 38.26 -24.09 -39.33
C PRO B 143 37.52 -23.58 -38.10
N ALA B 144 37.04 -24.50 -37.29
CA ALA B 144 36.38 -24.15 -36.06
C ALA B 144 37.35 -24.68 -35.02
N HIS B 145 37.99 -23.79 -34.28
CA HIS B 145 38.98 -24.18 -33.26
C HIS B 145 38.36 -24.43 -31.89
N TYR B 146 38.99 -25.35 -31.15
CA TYR B 146 38.56 -25.74 -29.79
C TYR B 146 39.76 -25.55 -28.86
N TYR B 147 39.68 -24.74 -27.80
CA TYR B 147 40.84 -24.58 -26.94
C TYR B 147 40.65 -25.00 -25.47
N GLU B 148 41.67 -25.59 -24.85
CA GLU B 148 41.60 -25.99 -23.44
C GLU B 148 42.64 -25.14 -22.76
N LEU B 149 42.20 -24.01 -22.22
CA LEU B 149 43.08 -23.05 -21.57
C LEU B 149 43.34 -23.27 -20.09
N MET B 150 44.53 -22.86 -19.66
CA MET B 150 44.93 -22.97 -18.27
C MET B 150 45.85 -21.80 -17.98
N ILE B 151 46.00 -21.45 -16.71
CA ILE B 151 46.84 -20.32 -16.34
C ILE B 151 48.03 -20.61 -15.39
N ASN B 152 48.34 -21.88 -15.12
CA ASN B 152 49.45 -22.24 -14.25
C ASN B 152 50.08 -21.01 -13.59
N THR B 153 49.84 -20.84 -12.29
CA THR B 153 50.36 -19.71 -11.53
C THR B 153 51.85 -19.42 -11.77
N SER B 154 52.47 -18.69 -10.84
CA SER B 154 53.87 -18.30 -10.98
C SER B 154 53.92 -17.65 -12.34
N THR B 155 54.40 -18.39 -13.34
CA THR B 155 54.46 -17.87 -14.69
C THR B 155 53.08 -17.30 -15.03
N ASN B 156 52.92 -16.00 -14.82
CA ASN B 156 51.65 -15.32 -15.08
C ASN B 156 51.11 -15.56 -16.46
N GLU B 157 51.91 -15.27 -17.47
CA GLU B 157 51.48 -15.49 -18.83
C GLU B 157 50.79 -16.86 -18.79
N PRO B 158 49.76 -17.06 -19.61
CA PRO B 158 48.96 -18.29 -19.71
C PRO B 158 49.74 -19.53 -20.02
N ASP B 159 49.15 -20.38 -20.85
CA ASP B 159 49.77 -21.63 -21.25
C ASP B 159 48.72 -22.44 -22.00
N ILE B 160 48.60 -22.21 -23.31
CA ILE B 160 47.63 -22.93 -24.16
C ILE B 160 47.90 -24.43 -24.03
N LEU B 161 46.88 -25.24 -24.20
CA LEU B 161 47.10 -26.67 -24.05
C LEU B 161 46.39 -27.56 -25.07
N VAL B 162 45.52 -27.00 -25.89
CA VAL B 162 44.86 -27.79 -26.92
C VAL B 162 44.42 -26.84 -28.03
N ASP B 163 44.86 -27.11 -29.26
CA ASP B 163 44.51 -26.26 -30.40
C ASP B 163 44.17 -27.15 -31.58
N GLU B 164 43.19 -28.03 -31.42
CA GLU B 164 42.83 -28.90 -32.51
C GLU B 164 41.76 -28.24 -33.35
N VAL B 165 41.20 -28.99 -34.29
CA VAL B 165 40.16 -28.46 -35.18
C VAL B 165 38.92 -29.37 -35.13
N ARG B 166 37.87 -28.95 -34.42
CA ARG B 166 36.63 -29.74 -34.30
C ARG B 166 35.64 -29.45 -35.43
N ASP B 167 35.07 -30.53 -35.92
CA ASP B 167 34.15 -30.51 -37.03
C ASP B 167 32.67 -30.30 -36.71
N TRP B 168 32.16 -29.14 -37.13
CA TRP B 168 30.75 -28.73 -37.00
C TRP B 168 30.65 -27.41 -36.34
N PHE B 169 29.39 -27.04 -36.08
CA PHE B 169 29.01 -25.84 -35.36
C PHE B 169 28.16 -24.83 -36.05
N ARG B 170 27.99 -24.99 -37.34
CA ARG B 170 27.19 -24.02 -38.06
C ARG B 170 27.86 -22.59 -37.94
N PRO B 171 29.20 -22.53 -38.17
CA PRO B 171 30.07 -21.36 -38.11
C PRO B 171 29.46 -19.96 -38.10
N HIS B 172 30.06 -19.14 -37.23
CA HIS B 172 29.74 -17.74 -36.98
C HIS B 172 29.73 -17.23 -35.52
N GLY B 173 30.07 -18.07 -34.52
CA GLY B 173 30.06 -17.64 -33.11
C GLY B 173 31.14 -18.22 -32.19
N THR B 174 30.93 -18.27 -30.87
CA THR B 174 31.96 -18.84 -29.97
C THR B 174 31.56 -19.11 -28.53
N GLN B 175 31.36 -20.40 -28.20
CA GLN B 175 30.92 -20.86 -26.87
C GLN B 175 32.00 -21.21 -25.83
N ILE B 176 31.75 -20.83 -24.56
CA ILE B 176 32.64 -21.08 -23.40
C ILE B 176 31.94 -22.06 -22.46
N GLU B 177 32.68 -23.06 -21.95
CA GLU B 177 32.12 -24.09 -21.01
C GLU B 177 32.90 -24.12 -19.71
N LEU B 178 32.31 -23.58 -18.65
CA LEU B 178 32.98 -23.51 -17.37
C LEU B 178 32.39 -24.32 -16.24
N GLU B 179 33.27 -25.06 -15.58
CA GLU B 179 32.96 -25.91 -14.43
C GLU B 179 33.61 -25.24 -13.23
N MET B 180 32.85 -25.04 -12.16
CA MET B 180 33.40 -24.37 -10.99
C MET B 180 32.51 -24.49 -9.74
N ARG B 181 33.10 -24.89 -8.60
CA ARG B 181 32.35 -25.02 -7.35
C ARG B 181 31.77 -23.66 -6.97
N ALA B 182 30.48 -23.52 -7.21
CA ALA B 182 29.74 -22.30 -6.92
C ALA B 182 28.30 -22.74 -6.75
N ALA B 183 27.37 -21.82 -6.91
CA ALA B 183 25.98 -22.19 -6.76
C ALA B 183 25.02 -21.34 -7.59
N TYR B 184 24.48 -21.92 -8.64
CA TYR B 184 23.51 -21.20 -9.44
C TYR B 184 22.25 -21.32 -8.60
N VAL B 185 21.78 -22.55 -8.55
CA VAL B 185 20.60 -23.00 -7.83
C VAL B 185 19.62 -21.95 -7.28
N LYS B 186 20.08 -21.02 -6.44
CA LYS B 186 19.13 -20.04 -5.92
C LYS B 186 18.73 -19.05 -7.02
N GLY B 187 17.47 -19.19 -7.46
CA GLY B 187 16.92 -18.34 -8.51
C GLY B 187 15.70 -17.54 -8.07
N ARG B 188 15.27 -17.80 -6.84
CA ARG B 188 14.13 -17.11 -6.25
C ARG B 188 14.49 -15.72 -5.74
N ARG B 189 14.74 -15.61 -4.44
CA ARG B 189 15.08 -14.34 -3.76
C ARG B 189 15.60 -13.15 -4.59
N GLN B 190 16.14 -13.43 -5.78
CA GLN B 190 16.68 -12.42 -6.71
C GLN B 190 18.17 -12.60 -6.96
N SER B 191 18.49 -13.37 -8.00
CA SER B 191 19.87 -13.63 -8.30
C SER B 191 20.22 -13.64 -9.78
N ILE B 192 20.03 -14.78 -10.42
CA ILE B 192 20.39 -14.99 -11.83
C ILE B 192 19.37 -14.63 -12.90
N TYR B 193 18.20 -15.25 -12.81
CA TYR B 193 17.11 -14.99 -13.75
C TYR B 193 16.93 -13.50 -13.84
N GLU B 194 16.97 -12.86 -12.68
CA GLU B 194 16.82 -11.43 -12.56
C GLU B 194 17.93 -10.72 -13.32
N TYR B 195 19.15 -11.28 -13.29
CA TYR B 195 20.24 -10.63 -13.99
C TYR B 195 20.06 -10.55 -15.48
N LEU B 196 19.79 -11.68 -16.10
CA LEU B 196 19.60 -11.68 -17.53
C LEU B 196 18.30 -10.94 -17.87
N LYS B 197 17.28 -11.08 -17.03
CA LYS B 197 15.99 -10.41 -17.24
C LYS B 197 16.25 -8.93 -17.22
N ALA B 198 17.11 -8.53 -16.30
CA ALA B 198 17.53 -7.14 -16.14
C ALA B 198 18.35 -6.82 -17.40
N THR B 199 19.29 -7.69 -17.72
CA THR B 199 20.11 -7.47 -18.89
C THR B 199 19.20 -7.44 -20.11
N ALA B 200 18.24 -8.35 -20.11
CA ALA B 200 17.31 -8.48 -21.21
C ALA B 200 16.59 -7.17 -21.55
N ILE B 201 15.91 -6.63 -20.55
CA ILE B 201 15.13 -5.41 -20.73
C ILE B 201 15.88 -4.18 -21.19
N VAL B 202 17.15 -4.07 -20.80
CA VAL B 202 17.96 -2.91 -21.17
C VAL B 202 18.69 -3.05 -22.49
N ASN B 203 18.97 -4.27 -22.91
CA ASN B 203 19.65 -4.44 -24.19
C ASN B 203 18.73 -5.01 -25.25
N PRO B 204 17.51 -4.47 -25.37
CA PRO B 204 16.51 -4.93 -26.33
C PRO B 204 17.10 -5.61 -27.55
N HIS B 205 18.14 -5.01 -28.10
CA HIS B 205 18.76 -5.53 -29.31
C HIS B 205 19.54 -6.80 -29.03
N ALA B 206 18.84 -7.77 -28.48
CA ALA B 206 19.43 -9.05 -28.14
C ALA B 206 18.44 -10.14 -27.70
N ARG B 207 18.73 -11.34 -28.14
CA ARG B 207 17.93 -12.49 -27.84
C ARG B 207 18.69 -13.27 -26.77
N ILE B 208 18.02 -13.46 -25.64
CA ILE B 208 18.62 -14.19 -24.57
C ILE B 208 17.78 -15.39 -24.20
N THR B 209 18.34 -16.59 -24.40
CA THR B 209 17.65 -17.82 -24.03
C THR B 209 18.50 -18.34 -22.87
N LEU B 210 17.85 -18.87 -21.84
CA LEU B 210 18.57 -19.44 -20.71
C LEU B 210 17.98 -20.81 -20.39
N ILE B 211 18.83 -21.84 -20.34
CA ILE B 211 18.37 -23.17 -20.00
C ILE B 211 19.10 -23.50 -18.73
N ASP B 212 18.36 -23.49 -17.62
CA ASP B 212 18.92 -23.76 -16.30
C ASP B 212 18.88 -25.24 -15.90
N PRO B 213 19.88 -25.68 -15.11
CA PRO B 213 19.95 -27.08 -14.67
C PRO B 213 18.61 -27.63 -14.30
N ASP B 214 18.41 -28.91 -14.59
CA ASP B 214 17.18 -29.66 -14.30
C ASP B 214 16.07 -29.54 -15.36
N GLY B 215 16.20 -28.56 -16.26
CA GLY B 215 15.20 -28.42 -17.30
C GLY B 215 14.10 -27.38 -17.14
N ASN B 216 14.24 -26.31 -17.90
CA ASN B 216 13.29 -25.19 -17.95
C ASN B 216 13.89 -24.29 -19.02
N GLU B 217 13.17 -23.26 -19.44
CA GLU B 217 13.71 -22.43 -20.50
C GLU B 217 13.06 -21.06 -20.65
N GLU B 218 13.72 -20.01 -20.17
CA GLU B 218 13.22 -18.63 -20.29
C GLU B 218 13.78 -18.01 -21.58
N VAL B 219 12.95 -17.77 -22.58
CA VAL B 219 13.43 -17.18 -23.82
C VAL B 219 13.10 -15.69 -23.90
N PHE B 220 14.09 -14.82 -23.64
CA PHE B 220 13.90 -13.37 -23.72
C PHE B 220 14.01 -12.95 -25.21
N GLU B 221 13.30 -13.65 -26.10
CA GLU B 221 13.39 -13.33 -27.53
C GLU B 221 12.56 -12.11 -27.83
N ARG B 222 13.27 -10.99 -27.81
CA ARG B 222 12.70 -9.67 -28.02
C ARG B 222 13.43 -8.96 -29.14
N ALA B 223 12.95 -7.77 -29.51
CA ALA B 223 13.59 -7.03 -30.60
C ALA B 223 13.21 -5.59 -30.94
N THR B 224 13.75 -5.20 -32.11
CA THR B 224 13.66 -3.93 -32.82
C THR B 224 15.09 -3.65 -33.17
N ASP B 225 15.68 -4.61 -33.87
CA ASP B 225 17.07 -4.59 -34.29
C ASP B 225 17.64 -3.24 -34.68
N LYS B 226 17.95 -2.42 -33.68
CA LYS B 226 18.54 -1.12 -33.90
C LYS B 226 19.76 -1.13 -32.99
N MET B 227 20.91 -1.47 -33.54
CA MET B 227 22.11 -1.51 -32.73
C MET B 227 22.24 -0.24 -31.96
N PRO B 228 22.84 -0.31 -30.77
CA PRO B 228 23.04 0.83 -29.89
C PRO B 228 23.80 1.92 -30.60
N GLU B 229 23.84 3.10 -30.00
CA GLU B 229 24.57 4.21 -30.59
C GLU B 229 26.02 3.84 -30.38
N PRO B 230 26.86 4.01 -31.41
CA PRO B 230 28.28 3.70 -31.38
C PRO B 230 29.05 4.22 -30.18
N ALA B 231 29.70 3.31 -29.47
CA ALA B 231 30.49 3.68 -28.32
C ALA B 231 31.62 4.53 -28.87
N GLU B 232 32.00 5.58 -28.16
CA GLU B 232 33.06 6.43 -28.65
C GLU B 232 34.09 6.70 -27.56
N GLU B 233 35.25 7.15 -27.98
CA GLU B 233 36.37 7.42 -27.08
C GLU B 233 36.76 8.90 -27.04
N ILE B 234 37.60 9.26 -26.08
CA ILE B 234 38.05 10.64 -25.94
C ILE B 234 39.30 10.85 -25.09
N LEU B 235 39.75 12.11 -25.09
CA LEU B 235 40.89 12.56 -24.33
C LEU B 235 40.21 13.07 -23.07
N PRO B 236 40.96 13.30 -22.00
CA PRO B 236 40.24 13.78 -20.83
C PRO B 236 40.03 15.27 -20.80
N HIS B 237 39.40 15.72 -19.74
CA HIS B 237 39.15 17.12 -19.53
C HIS B 237 39.77 17.37 -18.17
N PRO B 238 40.39 18.54 -17.98
CA PRO B 238 41.04 18.90 -16.72
C PRO B 238 40.34 18.47 -15.44
N GLU B 239 39.31 19.21 -15.03
CA GLU B 239 38.55 18.89 -13.83
C GLU B 239 38.22 17.41 -13.86
N GLY B 240 38.82 16.63 -12.96
CA GLY B 240 38.58 15.20 -12.94
C GLY B 240 39.92 14.51 -13.07
N ILE B 241 40.94 15.35 -13.23
CA ILE B 241 42.32 14.92 -13.32
C ILE B 241 42.79 15.20 -11.90
N GLU B 242 43.75 14.43 -11.42
CA GLU B 242 44.26 14.63 -10.05
C GLU B 242 45.73 14.23 -9.86
N LEU B 243 46.15 14.02 -8.62
CA LEU B 243 47.54 13.66 -8.30
C LEU B 243 48.11 12.53 -9.14
N GLY B 244 47.40 11.41 -9.16
CA GLY B 244 47.87 10.28 -9.94
C GLY B 244 48.02 10.61 -11.41
N THR B 245 47.08 11.37 -11.97
CA THR B 245 47.08 11.74 -13.39
C THR B 245 48.39 12.35 -13.91
N LEU B 246 48.81 13.49 -13.34
CA LEU B 246 50.04 14.17 -13.79
C LEU B 246 51.29 13.28 -13.78
N MET B 247 51.37 12.39 -12.80
CA MET B 247 52.49 11.47 -12.70
C MET B 247 52.48 10.59 -13.95
N LYS B 248 51.30 10.06 -14.29
CA LYS B 248 51.13 9.22 -15.46
C LYS B 248 51.42 9.96 -16.75
N MET B 249 50.71 11.07 -16.95
CA MET B 249 50.87 11.91 -18.14
C MET B 249 52.36 12.16 -18.47
N LEU B 250 53.06 12.77 -17.52
CA LEU B 250 54.47 13.09 -17.70
C LEU B 250 55.34 11.85 -17.80
N HIS B 251 55.66 11.30 -16.62
CA HIS B 251 56.51 10.13 -16.47
C HIS B 251 56.66 9.18 -17.66
N TYR B 252 55.69 9.11 -18.56
CA TYR B 252 55.84 8.19 -19.67
C TYR B 252 55.76 8.68 -21.12
N THR B 253 54.72 9.41 -21.51
CA THR B 253 54.61 9.87 -22.91
C THR B 253 54.59 11.39 -23.16
N GLU B 254 54.96 11.75 -24.38
CA GLU B 254 54.99 13.12 -24.84
C GLU B 254 54.68 13.09 -26.32
N PRO B 260 53.20 21.73 -25.05
CA PRO B 260 52.59 20.98 -26.16
C PRO B 260 51.73 19.85 -25.62
N PHE B 261 51.98 19.51 -24.36
CA PHE B 261 51.26 18.44 -23.64
C PHE B 261 49.93 19.03 -23.19
N LEU B 262 49.30 19.81 -24.06
CA LEU B 262 48.03 20.47 -23.74
C LEU B 262 47.04 20.48 -24.91
N ARG B 263 47.55 20.70 -26.12
CA ARG B 263 46.68 20.68 -27.27
C ARG B 263 46.88 19.31 -27.89
N TYR B 264 47.48 18.40 -27.12
CA TYR B 264 47.73 17.06 -27.61
C TYR B 264 46.97 15.99 -26.84
N SER B 265 46.97 16.04 -25.50
CA SER B 265 46.26 15.02 -24.74
C SER B 265 45.21 15.50 -23.73
N PHE B 266 44.46 16.54 -24.09
CA PHE B 266 43.41 17.11 -23.23
C PHE B 266 42.34 17.89 -24.02
N CYS B 267 41.55 17.12 -24.76
CA CYS B 267 40.45 17.55 -25.61
C CYS B 267 39.65 18.77 -25.17
N LYS B 268 39.01 19.41 -26.15
CA LYS B 268 38.18 20.59 -25.93
C LYS B 268 38.65 21.40 -24.72
N LEU B 271 45.35 26.07 -27.78
CA LEU B 271 46.65 26.76 -28.01
C LEU B 271 46.76 28.03 -27.18
N LEU B 272 45.74 28.89 -27.26
CA LEU B 272 45.71 30.14 -26.50
C LEU B 272 45.60 29.81 -25.03
N THR B 273 44.90 28.71 -24.77
CA THR B 273 44.66 28.22 -23.42
C THR B 273 45.81 27.36 -22.91
N ALA B 274 46.86 27.24 -23.73
CA ALA B 274 48.05 26.46 -23.37
C ALA B 274 49.05 27.42 -22.73
N GLU B 275 49.28 28.54 -23.41
CA GLU B 275 50.20 29.58 -22.95
C GLU B 275 49.63 30.38 -21.79
N GLU B 276 48.32 30.34 -21.65
CA GLU B 276 47.62 31.06 -20.59
C GLU B 276 47.60 30.26 -19.28
N ILE B 277 47.77 28.94 -19.39
CA ILE B 277 47.79 28.03 -18.25
C ILE B 277 49.18 27.92 -17.63
N CYS B 278 50.19 27.91 -18.49
CA CYS B 278 51.58 27.81 -18.07
C CYS B 278 51.95 28.83 -17.00
N LYS B 279 51.52 30.07 -17.21
CA LYS B 279 51.80 31.16 -16.28
C LYS B 279 51.20 30.93 -14.88
N ALA B 280 49.94 30.53 -14.82
CA ALA B 280 49.24 30.31 -13.54
C ALA B 280 49.74 29.10 -12.73
N ALA B 281 50.84 28.50 -13.17
CA ALA B 281 51.42 27.36 -12.47
C ALA B 281 52.85 27.68 -12.04
N GLY B 282 53.56 28.41 -12.89
CA GLY B 282 54.93 28.79 -12.60
C GLY B 282 55.86 28.22 -13.66
N LEU B 283 55.25 27.76 -14.76
CA LEU B 283 55.98 27.16 -15.88
C LEU B 283 55.97 28.09 -17.10
N ASP B 284 57.03 28.03 -17.90
CA ASP B 284 57.15 28.86 -19.10
C ASP B 284 56.43 28.22 -20.27
N PRO B 285 55.62 29.01 -21.01
CA PRO B 285 54.86 28.53 -22.18
C PRO B 285 55.69 27.89 -23.32
N GLU B 286 56.83 27.29 -22.98
CA GLU B 286 57.68 26.65 -23.98
C GLU B 286 58.53 25.48 -23.45
N ILE B 287 58.82 25.47 -22.15
CA ILE B 287 59.67 24.42 -21.58
C ILE B 287 59.22 23.02 -22.00
N ASP B 288 60.12 22.04 -21.88
CA ASP B 288 59.83 20.67 -22.27
C ASP B 288 58.91 19.89 -21.33
N PRO B 289 58.15 18.92 -21.87
CA PRO B 289 57.20 18.04 -21.19
C PRO B 289 57.62 17.25 -19.94
N HIS B 290 58.25 16.10 -20.14
CA HIS B 290 58.66 15.21 -19.05
C HIS B 290 59.63 15.77 -18.02
N ALA B 291 59.87 14.96 -16.98
CA ALA B 291 60.79 15.26 -15.87
C ALA B 291 60.69 16.68 -15.34
N LEU B 292 59.47 17.13 -15.08
CA LEU B 292 59.27 18.48 -14.55
C LEU B 292 59.41 18.52 -13.04
N GLY B 293 58.83 17.56 -12.35
CA GLY B 293 58.96 17.55 -10.90
C GLY B 293 57.90 16.79 -10.14
N ARG B 294 58.01 16.83 -8.82
CA ARG B 294 57.07 16.16 -7.93
C ARG B 294 56.35 17.18 -7.05
N HIS B 295 56.86 18.41 -7.03
CA HIS B 295 56.28 19.50 -6.23
C HIS B 295 55.75 20.65 -7.09
N GLU B 296 56.23 20.74 -8.33
CA GLU B 296 55.78 21.79 -9.25
C GLU B 296 54.56 21.24 -10.02
N ALA B 297 54.01 20.15 -9.48
CA ALA B 297 52.86 19.47 -10.06
C ALA B 297 51.55 19.95 -9.42
N ARG B 298 51.60 20.18 -8.11
CA ARG B 298 50.43 20.64 -7.36
C ARG B 298 50.07 22.09 -7.72
N LYS B 299 50.96 22.78 -8.44
CA LYS B 299 50.75 24.18 -8.85
C LYS B 299 50.03 24.34 -10.20
N LEU B 300 50.34 23.47 -11.17
CA LEU B 300 49.70 23.53 -12.49
C LEU B 300 48.32 22.89 -12.46
N ILE B 301 48.14 21.90 -11.57
CA ILE B 301 46.86 21.20 -11.46
C ILE B 301 45.71 22.18 -11.23
N GLU B 302 45.95 23.18 -10.38
CA GLU B 302 44.94 24.19 -10.09
C GLU B 302 44.95 25.26 -11.17
N ALA B 303 45.99 25.23 -12.01
CA ALA B 303 46.14 26.18 -13.12
C ALA B 303 45.02 25.93 -14.11
N PHE B 304 44.21 24.92 -13.81
CA PHE B 304 43.05 24.56 -14.63
C PHE B 304 41.84 24.97 -13.82
N GLU B 305 41.84 24.52 -12.57
CA GLU B 305 40.76 24.78 -11.62
C GLU B 305 40.31 26.23 -11.70
N LYS B 306 41.23 27.16 -11.44
CA LYS B 306 40.92 28.59 -11.44
C LYS B 306 40.58 29.20 -12.80
N VAL B 307 40.89 28.51 -13.88
CA VAL B 307 40.57 29.02 -15.20
C VAL B 307 39.65 28.08 -15.96
N LYS B 308 38.38 28.05 -15.55
CA LYS B 308 37.39 27.20 -16.19
C LYS B 308 37.26 27.61 -17.66
N ILE B 309 37.40 26.64 -18.56
CA ILE B 309 37.34 26.92 -19.99
C ILE B 309 36.18 26.22 -20.69
N MET B 310 35.95 26.63 -21.94
CA MET B 310 34.89 26.11 -22.81
C MET B 310 34.10 24.93 -22.23
N ALA B 311 34.17 23.79 -22.91
CA ALA B 311 33.43 22.63 -22.45
C ALA B 311 33.91 21.32 -23.04
N PRO B 312 33.88 20.24 -22.25
CA PRO B 312 34.28 18.90 -22.66
C PRO B 312 33.40 18.55 -23.85
N PRO B 313 33.17 17.25 -24.10
CA PRO B 313 32.30 17.00 -25.26
C PRO B 313 30.90 16.44 -24.93
N THR B 314 29.92 16.85 -25.73
CA THR B 314 28.53 16.42 -25.60
C THR B 314 28.35 15.26 -26.55
N ASP B 315 28.84 15.45 -27.76
CA ASP B 315 28.81 14.43 -28.80
C ASP B 315 29.74 13.34 -28.26
N CYS B 316 29.27 12.55 -27.29
CA CYS B 316 30.14 11.52 -26.72
C CYS B 316 29.57 10.29 -26.04
N LEU B 317 28.28 10.27 -25.74
CA LEU B 317 27.73 9.11 -25.07
C LEU B 317 26.70 8.36 -25.90
N SER B 318 26.17 7.27 -25.33
CA SER B 318 25.19 6.43 -26.00
C SER B 318 24.05 5.99 -25.08
N PRO B 319 23.01 6.83 -24.96
CA PRO B 319 21.90 6.44 -24.09
C PRO B 319 21.28 5.18 -24.68
N ILE B 320 20.43 4.49 -23.93
CA ILE B 320 19.79 3.31 -24.51
C ILE B 320 18.67 3.78 -25.43
N GLY B 321 17.89 4.76 -24.97
CA GLY B 321 16.83 5.31 -25.79
C GLY B 321 15.44 5.41 -25.21
N GLU B 322 14.84 6.59 -25.33
CA GLU B 322 13.50 6.77 -24.82
C GLU B 322 12.63 5.65 -25.34
N ASP B 323 12.78 5.30 -26.60
CA ASP B 323 11.93 4.25 -27.14
C ASP B 323 12.31 2.85 -26.66
N LEU B 324 13.47 2.34 -27.07
CA LEU B 324 13.88 0.99 -26.66
C LEU B 324 13.53 0.67 -25.21
N ILE B 325 13.85 1.60 -24.31
CA ILE B 325 13.54 1.41 -22.90
C ILE B 325 12.11 0.97 -22.83
N TYR B 326 11.24 1.82 -23.35
CA TYR B 326 9.83 1.51 -23.38
C TYR B 326 9.68 0.03 -23.74
N ARG B 327 10.08 -0.31 -24.96
CA ARG B 327 10.00 -1.67 -25.46
C ARG B 327 10.53 -2.64 -24.43
N GLY B 328 11.77 -2.42 -24.03
CA GLY B 328 12.43 -3.26 -23.06
C GLY B 328 11.45 -3.86 -22.06
N LEU B 329 10.70 -3.00 -21.39
CA LEU B 329 9.74 -3.47 -20.39
C LEU B 329 8.49 -4.07 -21.00
N GLU B 330 7.73 -3.26 -21.73
CA GLU B 330 6.50 -3.72 -22.32
C GLU B 330 6.58 -5.15 -22.82
N LYS B 331 7.76 -5.55 -23.31
CA LYS B 331 7.90 -6.91 -23.81
C LYS B 331 8.30 -7.95 -22.76
N GLU B 332 9.17 -7.57 -21.84
CA GLU B 332 9.63 -8.51 -20.80
C GLU B 332 8.89 -8.54 -19.45
N THR B 333 7.63 -8.08 -19.40
CA THR B 333 6.86 -8.12 -18.15
C THR B 333 5.33 -8.12 -18.33
N THR B 334 4.63 -7.25 -17.60
CA THR B 334 3.18 -7.20 -17.68
C THR B 334 2.66 -5.99 -16.93
N VAL B 335 2.94 -4.81 -17.46
CA VAL B 335 2.52 -3.55 -16.83
C VAL B 335 1.17 -3.06 -17.37
N ASP B 336 0.77 -1.84 -17.00
CA ASP B 336 -0.46 -1.24 -17.50
C ASP B 336 -0.26 0.15 -18.12
N PHE B 337 0.44 1.04 -17.43
CA PHE B 337 0.74 2.39 -17.97
C PHE B 337 2.23 2.67 -17.83
N ILE B 338 2.92 2.99 -18.92
CA ILE B 338 4.37 3.23 -18.89
C ILE B 338 4.88 4.62 -19.35
N ALA B 339 6.08 5.00 -18.90
CA ALA B 339 6.68 6.28 -19.29
C ALA B 339 8.22 6.28 -19.28
N THR B 340 8.80 6.72 -20.39
CA THR B 340 10.26 6.76 -20.53
C THR B 340 10.69 8.19 -20.66
N SER B 341 11.97 8.44 -20.42
CA SER B 341 12.55 9.77 -20.51
C SER B 341 14.08 9.70 -20.57
N THR B 342 14.63 10.23 -21.65
CA THR B 342 16.07 10.22 -21.86
C THR B 342 16.56 11.65 -21.86
N ARG B 343 17.00 12.13 -20.71
CA ARG B 343 17.46 13.51 -20.62
C ARG B 343 18.80 13.82 -21.26
N LYS B 344 18.88 15.06 -21.76
CA LYS B 344 20.07 15.59 -22.42
C LYS B 344 21.30 15.23 -21.58
N PRO B 345 22.48 15.12 -22.21
CA PRO B 345 23.74 14.78 -21.52
C PRO B 345 24.27 15.84 -20.55
N ALA B 346 24.27 15.56 -19.25
CA ALA B 346 24.77 16.53 -18.29
C ALA B 346 26.24 16.23 -18.03
N VAL B 347 26.89 17.06 -17.22
CA VAL B 347 28.30 16.84 -16.91
C VAL B 347 28.71 17.23 -15.50
N TYR B 348 29.63 16.47 -14.94
CA TYR B 348 30.14 16.75 -13.61
C TYR B 348 31.66 16.86 -13.73
N SER B 349 32.26 17.55 -12.77
CA SER B 349 33.71 17.74 -12.71
C SER B 349 34.52 16.96 -13.74
N GLY B 350 34.29 17.22 -15.03
CA GLY B 350 35.04 16.56 -16.07
C GLY B 350 34.46 15.39 -16.85
N ASN B 351 33.74 14.49 -16.19
CA ASN B 351 33.15 13.32 -16.85
C ASN B 351 31.70 13.51 -17.31
N PRO B 352 31.43 13.39 -18.63
CA PRO B 352 30.10 13.54 -19.23
C PRO B 352 29.18 12.40 -18.81
N PHE B 353 27.88 12.67 -18.71
CA PHE B 353 26.93 11.64 -18.31
C PHE B 353 25.50 11.94 -18.74
N VAL B 354 24.72 10.89 -19.02
CA VAL B 354 23.32 11.06 -19.39
C VAL B 354 22.57 10.09 -18.53
N VAL B 355 21.39 10.47 -18.06
CA VAL B 355 20.59 9.60 -17.23
C VAL B 355 19.23 9.47 -17.87
N GLU B 356 18.75 8.23 -17.99
CA GLU B 356 17.44 7.95 -18.59
C GLU B 356 16.63 7.35 -17.47
N VAL B 357 15.32 7.64 -17.43
CA VAL B 357 14.45 7.10 -16.40
C VAL B 357 13.12 6.62 -16.96
N GLY B 358 12.77 5.37 -16.63
CA GLY B 358 11.52 4.77 -17.08
C GLY B 358 10.77 4.24 -15.88
N MET B 359 9.44 4.26 -15.95
CA MET B 359 8.62 3.80 -14.84
C MET B 359 7.41 3.05 -15.34
N ALA B 360 7.08 1.93 -14.70
CA ALA B 360 5.92 1.16 -15.13
C ALA B 360 5.00 0.91 -13.94
N TYR B 361 3.70 1.00 -14.18
CA TYR B 361 2.71 0.82 -13.12
C TYR B 361 1.82 -0.41 -13.23
N GLY B 362 1.52 -0.97 -12.06
CA GLY B 362 0.65 -2.14 -11.89
C GLY B 362 0.24 -3.12 -12.97
N GLY B 363 -0.24 -4.26 -12.48
CA GLY B 363 -0.70 -5.34 -13.33
C GLY B 363 -0.23 -6.64 -12.72
N ASN B 364 0.70 -7.28 -13.41
CA ASN B 364 1.28 -8.54 -12.97
C ASN B 364 2.05 -8.24 -11.70
N LEU B 365 2.32 -6.95 -11.48
CA LEU B 365 3.05 -6.47 -10.33
C LEU B 365 2.52 -7.01 -8.99
N PRO B 366 3.07 -6.54 -7.85
CA PRO B 366 2.66 -6.98 -6.53
C PRO B 366 1.49 -6.19 -6.00
N LYS B 367 0.68 -6.86 -5.20
CA LYS B 367 -0.49 -6.23 -4.62
C LYS B 367 -0.16 -4.93 -3.89
N GLU B 368 0.09 -4.99 -2.60
CA GLU B 368 0.36 -3.74 -1.90
C GLU B 368 1.76 -3.48 -1.36
N GLU B 369 2.26 -2.31 -1.74
CA GLU B 369 3.56 -1.80 -1.35
C GLU B 369 4.73 -2.59 -1.89
N LYS B 370 5.84 -2.62 -1.16
CA LYS B 370 7.01 -3.35 -1.62
C LYS B 370 7.42 -2.82 -2.97
N ILE B 371 7.62 -1.52 -3.14
CA ILE B 371 8.00 -1.04 -4.48
C ILE B 371 9.34 -1.64 -4.98
N SER B 372 9.39 -2.09 -6.24
CA SER B 372 10.61 -2.68 -6.78
C SER B 372 11.30 -1.69 -7.70
N ILE B 373 12.60 -1.47 -7.49
CA ILE B 373 13.38 -0.54 -8.30
C ILE B 373 14.66 -1.20 -8.75
N MET B 374 14.82 -1.38 -10.06
CA MET B 374 16.04 -2.00 -10.56
C MET B 374 16.86 -0.93 -11.24
N ARG B 375 18.09 -0.77 -10.76
CA ARG B 375 18.99 0.26 -11.27
C ARG B 375 19.92 -0.23 -12.36
N PHE B 376 20.28 0.68 -13.24
CA PHE B 376 21.16 0.33 -14.33
C PHE B 376 22.30 1.29 -14.63
N ALA B 377 23.52 0.78 -14.43
CA ALA B 377 24.77 1.50 -14.64
C ALA B 377 25.52 1.27 -15.98
N ASN B 378 25.48 2.25 -16.87
CA ASN B 378 26.15 2.18 -18.16
C ASN B 378 25.90 0.85 -18.83
N ARG B 379 24.63 0.43 -18.82
CA ARG B 379 24.16 -0.83 -19.40
C ARG B 379 24.36 -2.10 -18.58
N VAL B 380 25.16 -2.00 -17.52
CA VAL B 380 25.40 -3.14 -16.65
C VAL B 380 24.25 -3.07 -15.67
N PRO B 381 23.93 -4.15 -14.95
CA PRO B 381 22.82 -3.99 -14.03
C PRO B 381 23.21 -3.51 -12.65
N LEU B 382 23.06 -4.42 -11.69
CA LEU B 382 23.36 -4.17 -10.30
C LEU B 382 22.24 -4.83 -9.53
N LEU B 383 22.58 -5.56 -8.48
CA LEU B 383 21.57 -6.24 -7.67
C LEU B 383 22.09 -6.44 -6.24
N TYR B 384 23.04 -5.59 -5.87
CA TYR B 384 23.65 -5.69 -4.56
C TYR B 384 23.46 -4.50 -3.65
N GLN B 385 22.75 -4.78 -2.56
CA GLN B 385 22.41 -3.84 -1.50
C GLN B 385 22.18 -2.42 -1.99
N GLN B 386 20.90 -2.10 -2.19
CA GLN B 386 20.43 -0.81 -2.70
C GLN B 386 20.89 0.31 -1.78
N GLY B 387 20.91 0.03 -0.48
CA GLY B 387 21.32 1.05 0.47
C GLY B 387 22.45 1.89 -0.07
N GLY B 388 22.37 3.21 0.12
CA GLY B 388 23.43 4.09 -0.32
C GLY B 388 23.52 4.47 -1.79
N CYS B 389 23.11 3.59 -2.70
CA CYS B 389 23.19 3.88 -4.14
C CYS B 389 22.56 5.23 -4.46
N VAL B 390 23.29 6.10 -5.13
CA VAL B 390 22.75 7.42 -5.46
C VAL B 390 21.33 7.21 -5.97
N THR B 391 21.15 6.15 -6.72
CA THR B 391 19.84 5.86 -7.27
C THR B 391 18.81 5.81 -6.15
N THR B 392 18.83 4.75 -5.35
CA THR B 392 17.86 4.59 -4.27
C THR B 392 17.68 5.92 -3.54
N HIS B 393 18.78 6.55 -3.13
CA HIS B 393 18.68 7.81 -2.42
C HIS B 393 17.70 8.76 -3.12
N ALA B 394 18.07 9.21 -4.31
CA ALA B 394 17.24 10.13 -5.08
C ALA B 394 15.78 9.70 -5.02
N VAL B 395 15.58 8.40 -5.12
CA VAL B 395 14.24 7.79 -5.09
C VAL B 395 13.48 8.17 -3.83
N GLU B 396 14.21 8.31 -2.73
CA GLU B 396 13.63 8.63 -1.43
C GLU B 396 13.56 10.13 -1.16
N ASP B 397 14.50 10.88 -1.74
CA ASP B 397 14.57 12.31 -1.53
C ASP B 397 13.43 13.18 -2.04
N ILE B 398 12.50 12.63 -2.82
CA ILE B 398 11.45 13.49 -3.34
C ILE B 398 9.98 13.03 -3.32
N LYS B 399 9.10 14.04 -3.24
CA LYS B 399 7.64 13.96 -3.19
C LYS B 399 7.16 12.72 -2.48
N TRP B 400 6.30 11.92 -3.13
CA TRP B 400 5.75 10.68 -2.57
C TRP B 400 4.29 10.44 -2.90
N LYS B 401 3.48 10.39 -1.85
CA LYS B 401 2.03 10.18 -1.94
C LYS B 401 1.40 11.18 -2.90
N GLN B 402 1.45 12.46 -2.54
CA GLN B 402 0.88 13.53 -3.36
C GLN B 402 1.61 13.59 -4.70
N TYR B 403 1.27 12.61 -5.54
CA TYR B 403 1.81 12.45 -6.87
C TYR B 403 1.04 11.31 -7.44
N GLY B 404 0.72 10.34 -6.56
CA GLY B 404 -0.05 9.19 -6.98
C GLY B 404 0.11 7.91 -6.17
N LEU B 405 1.31 7.65 -5.68
CA LEU B 405 1.51 6.43 -4.93
C LEU B 405 1.41 6.65 -3.43
N ASN B 406 0.28 6.24 -2.86
CA ASN B 406 0.01 6.36 -1.42
C ASN B 406 0.82 5.37 -0.62
N GLN B 407 1.98 5.82 -0.15
CA GLN B 407 2.87 4.96 0.62
C GLN B 407 3.73 5.74 1.64
N PRO B 408 3.47 5.53 2.92
CA PRO B 408 4.22 6.22 3.96
C PRO B 408 5.47 5.44 4.30
N GLY B 409 6.43 6.11 4.91
CA GLY B 409 7.68 5.47 5.28
C GLY B 409 8.78 6.41 5.75
N GLY B 410 9.20 7.33 4.89
CA GLY B 410 10.28 8.27 5.23
C GLY B 410 11.35 8.20 4.15
N GLY B 411 11.09 7.35 3.16
CA GLY B 411 11.98 7.12 2.02
C GLY B 411 11.37 6.01 1.18
N ILE B 412 11.68 5.97 -0.11
CA ILE B 412 11.16 4.95 -1.02
C ILE B 412 9.63 4.74 -1.07
N PRO B 413 8.92 5.44 -2.00
CA PRO B 413 7.45 5.25 -2.06
C PRO B 413 7.09 3.86 -2.50
N VAL B 414 6.11 3.23 -1.85
CA VAL B 414 5.75 1.87 -2.24
C VAL B 414 4.32 1.49 -2.67
N GLY B 415 4.28 0.54 -3.60
CA GLY B 415 3.04 0.05 -4.17
C GLY B 415 3.43 -0.72 -5.41
N PRO B 416 2.48 -1.10 -6.26
CA PRO B 416 2.78 -1.84 -7.49
C PRO B 416 3.40 -0.96 -8.57
N VAL B 417 4.71 -0.72 -8.50
CA VAL B 417 5.40 0.10 -9.48
C VAL B 417 6.55 -0.67 -10.12
N ILE B 418 7.67 0.02 -10.34
CA ILE B 418 8.90 -0.54 -10.94
C ILE B 418 9.67 0.63 -11.61
N LEU B 419 10.83 0.99 -11.07
CA LEU B 419 11.62 2.11 -11.59
C LEU B 419 13.00 1.82 -12.10
N LEU B 420 13.30 2.38 -13.26
CA LEU B 420 14.59 2.20 -13.89
C LEU B 420 15.33 3.50 -14.03
N ILE B 421 16.53 3.51 -13.46
CA ILE B 421 17.44 4.65 -13.49
C ILE B 421 18.81 4.25 -14.09
N HIS B 422 19.17 4.96 -15.16
CA HIS B 422 20.39 4.69 -15.91
C HIS B 422 21.36 5.86 -15.87
N VAL B 423 22.66 5.55 -15.86
CA VAL B 423 23.71 6.56 -15.85
C VAL B 423 24.85 6.18 -16.82
N ALA B 424 25.32 7.13 -17.59
CA ALA B 424 26.39 6.85 -18.53
C ALA B 424 27.48 7.88 -18.40
N SER B 425 28.73 7.44 -18.50
CA SER B 425 29.85 8.35 -18.39
C SER B 425 31.16 7.62 -18.59
N ILE B 426 32.00 8.17 -19.46
CA ILE B 426 33.29 7.56 -19.75
C ILE B 426 33.93 6.91 -18.51
N ASN B 427 33.64 7.45 -17.34
CA ASN B 427 34.14 6.92 -16.06
C ASN B 427 32.99 7.14 -15.11
N VAL B 428 32.77 6.21 -14.19
CA VAL B 428 31.65 6.39 -13.28
C VAL B 428 31.92 6.40 -11.79
N PRO B 429 31.33 7.38 -11.11
CA PRO B 429 31.45 7.55 -9.67
C PRO B 429 30.79 6.44 -8.85
N PHE B 430 31.58 5.45 -8.44
CA PHE B 430 31.07 4.35 -7.63
C PHE B 430 31.42 4.48 -6.15
N THR B 431 30.56 4.00 -5.27
CA THR B 431 30.89 4.07 -3.86
C THR B 431 31.98 3.01 -3.61
N SER B 432 31.64 1.93 -2.91
CA SER B 432 32.62 0.88 -2.61
C SER B 432 33.56 0.68 -3.79
N GLU B 433 34.78 0.25 -3.52
CA GLU B 433 35.80 0.03 -4.54
C GLU B 433 35.54 -1.20 -5.43
N SER B 434 34.27 -1.59 -5.53
CA SER B 434 33.88 -2.74 -6.33
C SER B 434 32.52 -2.48 -7.02
N LYS B 435 32.49 -1.50 -7.94
CA LYS B 435 31.28 -1.10 -8.70
C LYS B 435 29.99 -1.78 -8.26
N ASP B 436 29.30 -1.17 -7.32
CA ASP B 436 28.05 -1.72 -6.80
C ASP B 436 27.02 -0.66 -6.50
N ALA B 437 27.41 0.61 -6.63
CA ALA B 437 26.53 1.74 -6.37
C ALA B 437 27.17 3.02 -6.87
N ILE B 438 26.43 4.12 -6.83
CA ILE B 438 26.96 5.39 -7.30
C ILE B 438 27.11 6.39 -6.14
N ALA B 439 28.26 7.09 -6.04
CA ALA B 439 28.51 8.07 -4.95
C ALA B 439 27.66 9.37 -5.08
N ASP B 440 26.96 9.75 -4.01
CA ASP B 440 26.09 10.94 -4.04
C ASP B 440 26.69 12.25 -4.52
N ILE B 441 26.92 12.37 -5.82
CA ILE B 441 27.47 13.60 -6.34
C ILE B 441 26.37 14.62 -6.55
N PRO B 442 26.61 15.87 -6.15
CA PRO B 442 25.65 16.96 -6.29
C PRO B 442 25.03 17.09 -7.68
N VAL B 443 25.89 17.36 -8.66
CA VAL B 443 25.46 17.55 -10.05
C VAL B 443 24.80 16.32 -10.72
N ILE B 444 24.85 15.15 -10.06
CA ILE B 444 24.23 13.94 -10.62
C ILE B 444 22.83 13.74 -10.08
N LYS B 445 22.70 13.68 -8.76
CA LYS B 445 21.39 13.52 -8.16
C LYS B 445 20.55 14.68 -8.66
N GLU B 446 21.15 15.87 -8.70
CA GLU B 446 20.45 17.06 -9.17
C GLU B 446 19.84 16.79 -10.54
N GLU B 447 20.28 15.70 -11.17
CA GLU B 447 19.80 15.31 -12.49
C GLU B 447 18.77 14.17 -12.42
N ILE B 448 19.18 13.03 -11.86
CA ILE B 448 18.32 11.87 -11.70
C ILE B 448 16.94 12.33 -11.23
N ASP B 449 16.94 13.24 -10.27
CA ASP B 449 15.72 13.77 -9.68
C ASP B 449 14.70 14.27 -10.68
N LEU B 450 14.97 15.45 -11.24
CA LEU B 450 14.07 16.03 -12.21
C LEU B 450 13.84 15.01 -13.34
N ALA B 451 14.63 13.94 -13.33
CA ALA B 451 14.55 12.87 -14.31
C ALA B 451 13.55 11.80 -13.86
N ILE B 452 13.56 11.45 -12.58
CA ILE B 452 12.63 10.46 -12.07
C ILE B 452 11.29 11.17 -12.00
N LYS B 453 11.36 12.49 -11.86
CA LYS B 453 10.19 13.35 -11.80
C LYS B 453 9.58 13.39 -13.18
N GLU B 454 10.45 13.50 -14.18
CA GLU B 454 10.06 13.56 -15.57
C GLU B 454 8.92 12.63 -15.94
N VAL B 455 8.75 11.54 -15.17
CA VAL B 455 7.67 10.59 -15.43
C VAL B 455 6.78 10.59 -14.23
N ALA B 456 7.40 10.79 -13.08
CA ALA B 456 6.68 10.83 -11.83
C ALA B 456 5.39 11.61 -12.05
N ARG B 457 5.36 12.42 -13.10
CA ARG B 457 4.17 13.21 -13.42
C ARG B 457 3.31 12.51 -14.46
N LYS B 458 3.90 12.03 -15.54
CA LYS B 458 3.15 11.36 -16.58
C LYS B 458 2.32 10.24 -15.96
N LEU B 459 2.77 9.75 -14.82
CA LEU B 459 2.00 8.72 -14.12
C LEU B 459 0.77 9.41 -13.56
N LYS B 460 1.00 10.43 -12.75
CA LYS B 460 -0.07 11.21 -12.13
C LYS B 460 -1.20 11.40 -13.10
N HIS B 461 -0.87 11.91 -14.29
CA HIS B 461 -1.87 12.13 -15.32
C HIS B 461 -2.69 10.87 -15.47
N TYR B 462 -2.04 9.73 -15.64
CA TYR B 462 -2.76 8.47 -15.78
C TYR B 462 -3.66 8.28 -14.57
N LEU B 463 -3.05 8.13 -13.41
CA LEU B 463 -3.81 7.94 -12.19
C LEU B 463 -4.90 9.02 -12.08
N SER B 464 -4.51 10.28 -12.27
CA SER B 464 -5.47 11.38 -12.19
C SER B 464 -6.60 11.12 -13.17
N LYS B 465 -6.30 10.42 -14.26
CA LYS B 465 -7.31 10.09 -15.27
C LYS B 465 -7.94 8.77 -14.91
N GLN B 466 -7.10 7.78 -14.66
CA GLN B 466 -7.58 6.46 -14.30
C GLN B 466 -8.50 6.51 -13.10
N SER B 467 -7.94 6.74 -11.91
CA SER B 467 -8.76 6.81 -10.70
C SER B 467 -9.98 7.65 -10.95
N ASN B 468 -9.83 8.63 -11.83
CA ASN B 468 -10.92 9.52 -12.21
C ASN B 468 -12.12 8.71 -12.71
N LEU B 469 -11.94 7.90 -13.75
CA LEU B 469 -13.03 7.09 -14.30
C LEU B 469 -13.78 6.37 -13.19
N LYS B 470 -13.07 6.00 -12.12
CA LYS B 470 -13.75 5.35 -11.03
C LYS B 470 -14.81 6.37 -10.57
N LYS B 471 -14.36 7.59 -10.30
CA LYS B 471 -15.25 8.68 -9.88
C LYS B 471 -16.16 9.09 -11.04
N ARG B 472 -16.53 8.10 -11.85
CA ARG B 472 -17.41 8.32 -12.99
C ARG B 472 -18.32 7.12 -13.07
N ARG B 473 -17.99 6.10 -12.29
CA ARG B 473 -18.82 4.91 -12.24
C ARG B 473 -19.39 4.80 -10.86
N GLU B 474 -18.76 5.48 -9.92
CA GLU B 474 -19.26 5.50 -8.56
C GLU B 474 -20.63 6.10 -8.76
N LYS B 475 -20.62 7.19 -9.50
CA LYS B 475 -21.82 7.94 -9.79
C LYS B 475 -22.89 7.08 -10.44
N GLU B 476 -22.54 6.41 -11.53
CA GLU B 476 -23.50 5.59 -12.25
C GLU B 476 -24.36 4.70 -11.35
N ILE B 477 -23.85 4.38 -10.15
CA ILE B 477 -24.57 3.52 -9.20
C ILE B 477 -25.35 4.36 -8.16
N ILE B 478 -24.89 5.59 -7.94
CA ILE B 478 -25.55 6.49 -7.01
C ILE B 478 -26.65 7.15 -7.84
N ILE B 479 -27.13 6.41 -8.83
CA ILE B 479 -28.17 6.87 -9.74
C ILE B 479 -29.00 5.68 -10.15
N THR B 480 -28.91 4.63 -9.34
CA THR B 480 -29.64 3.40 -9.55
C THR B 480 -29.66 2.84 -8.13
N LYS B 481 -29.30 3.76 -7.24
CA LYS B 481 -29.26 3.54 -5.81
C LYS B 481 -30.07 4.66 -5.15
N VAL B 482 -29.81 5.90 -5.56
CA VAL B 482 -30.53 7.07 -5.05
C VAL B 482 -31.98 6.92 -5.47
N LEU B 483 -32.15 6.12 -6.50
CA LEU B 483 -33.45 5.80 -7.08
C LEU B 483 -34.32 4.93 -6.15
N PRO B 484 -34.06 3.60 -6.09
CA PRO B 484 -34.90 2.77 -5.21
C PRO B 484 -35.02 3.27 -3.79
N LYS B 485 -34.04 4.03 -3.33
CA LYS B 485 -34.09 4.53 -1.98
C LYS B 485 -35.31 5.41 -1.77
N LEU B 486 -35.42 6.46 -2.56
CA LEU B 486 -36.56 7.35 -2.43
C LEU B 486 -37.82 6.62 -2.92
N ALA B 487 -37.68 5.31 -3.10
CA ALA B 487 -38.77 4.45 -3.55
C ALA B 487 -39.08 3.43 -2.43
N ALA B 488 -38.24 3.49 -1.42
CA ALA B 488 -38.39 2.64 -0.28
C ALA B 488 -39.04 3.53 0.73
N LYS B 489 -38.78 4.83 0.57
CA LYS B 489 -39.33 5.85 1.44
C LYS B 489 -40.76 6.17 1.04
N VAL B 490 -41.30 5.34 0.16
CA VAL B 490 -42.68 5.50 -0.32
C VAL B 490 -43.57 4.34 0.14
N ALA B 491 -43.39 3.16 -0.44
CA ALA B 491 -44.17 1.99 -0.07
C ALA B 491 -43.96 1.74 1.42
N HIS B 492 -43.58 2.81 2.11
CA HIS B 492 -43.31 2.77 3.54
C HIS B 492 -43.78 4.03 4.29
N VAL B 493 -44.01 5.11 3.55
CA VAL B 493 -44.52 6.34 4.13
C VAL B 493 -45.57 6.75 3.10
N LEU B 494 -46.84 6.65 3.47
CA LEU B 494 -47.94 6.97 2.56
C LEU B 494 -47.94 8.39 1.97
N GLU B 495 -46.78 8.87 1.53
CA GLU B 495 -46.69 10.20 0.94
C GLU B 495 -46.56 10.19 -0.59
N LYS B 496 -47.64 10.60 -1.24
CA LYS B 496 -47.78 10.65 -2.69
C LYS B 496 -46.97 9.58 -3.43
N ASP B 497 -45.65 9.71 -3.44
CA ASP B 497 -44.82 8.74 -4.14
C ASP B 497 -43.35 9.13 -4.12
N VAL B 498 -42.61 8.65 -5.13
CA VAL B 498 -41.17 8.89 -5.32
C VAL B 498 -40.95 10.26 -5.97
N PRO B 499 -41.01 11.33 -5.17
CA PRO B 499 -40.87 12.77 -5.43
C PRO B 499 -39.61 13.28 -6.15
N ASP B 500 -39.63 13.23 -7.47
CA ASP B 500 -38.52 13.70 -8.28
C ASP B 500 -37.15 13.39 -7.68
N ILE B 501 -36.61 12.22 -8.05
CA ILE B 501 -35.29 11.79 -7.59
C ILE B 501 -34.27 12.56 -8.42
N ASN B 502 -34.76 13.06 -9.56
CA ASN B 502 -34.01 13.82 -10.55
C ASN B 502 -33.31 15.09 -10.05
N PRO B 503 -34.06 16.02 -9.42
CA PRO B 503 -33.49 17.27 -8.90
C PRO B 503 -32.21 17.01 -8.14
N VAL B 504 -32.27 15.99 -7.27
CA VAL B 504 -31.13 15.60 -6.43
C VAL B 504 -30.04 15.00 -7.29
N VAL B 505 -30.40 13.96 -8.04
CA VAL B 505 -29.45 13.28 -8.91
C VAL B 505 -28.69 14.27 -9.78
N ALA B 506 -29.41 15.23 -10.33
CA ALA B 506 -28.80 16.24 -11.20
C ALA B 506 -27.84 17.13 -10.42
N LYS B 507 -28.14 17.29 -9.14
CA LYS B 507 -27.32 18.11 -8.28
C LYS B 507 -26.05 17.35 -7.89
N ILE B 508 -26.04 16.04 -8.14
CA ILE B 508 -24.88 15.22 -7.81
C ILE B 508 -23.81 15.35 -8.89
N MET B 509 -24.12 14.95 -10.12
CA MET B 509 -23.17 15.05 -11.21
C MET B 509 -23.00 16.51 -11.50
N GLY B 510 -23.84 17.31 -10.85
CA GLY B 510 -23.80 18.75 -11.00
C GLY B 510 -23.84 19.30 -12.41
N ASN B 511 -24.81 18.84 -13.20
CA ASN B 511 -24.95 19.30 -14.57
C ASN B 511 -25.73 20.63 -14.61
N LEU B 512 -27.05 20.52 -14.47
CA LEU B 512 -27.96 21.67 -14.47
C LEU B 512 -29.36 21.09 -14.63
N LEU B 513 -30.22 21.25 -13.62
CA LEU B 513 -31.55 20.69 -13.71
C LEU B 513 -32.60 21.60 -14.32
N VAL B 514 -33.41 21.01 -15.19
CA VAL B 514 -34.49 21.71 -15.87
C VAL B 514 -35.77 20.95 -15.57
N HIS B 515 -36.67 21.56 -14.83
CA HIS B 515 -37.92 20.89 -14.50
C HIS B 515 -39.09 21.81 -14.81
N ARG B 516 -40.29 21.40 -14.43
CA ARG B 516 -41.49 22.18 -14.69
C ARG B 516 -42.49 22.08 -13.55
N VAL B 517 -42.58 23.13 -12.76
CA VAL B 517 -43.51 23.18 -11.65
C VAL B 517 -44.87 23.54 -12.25
N ILE B 518 -45.95 23.00 -11.70
CA ILE B 518 -47.27 23.31 -12.22
C ILE B 518 -48.35 23.39 -11.17
N LYS B 519 -49.18 24.41 -11.28
CA LYS B 519 -50.27 24.65 -10.35
C LYS B 519 -51.55 24.91 -11.15
N ASN B 520 -52.69 24.51 -10.61
CA ASN B 520 -53.98 24.70 -11.29
C ASN B 520 -54.91 25.60 -10.47
N ASN B 521 -55.84 26.28 -11.14
CA ASN B 521 -56.79 27.16 -10.45
C ASN B 521 -58.04 27.40 -11.33
N GLY B 522 -58.39 28.67 -11.50
CA GLY B 522 -59.49 29.04 -12.37
C GLY B 522 -58.68 29.65 -13.49
N ASP B 523 -57.40 29.24 -13.56
CA ASP B 523 -56.41 29.71 -14.54
C ASP B 523 -55.45 28.57 -14.95
N GLY B 524 -54.17 28.69 -14.63
CA GLY B 524 -53.21 27.63 -14.97
C GLY B 524 -51.72 27.97 -15.05
N THR B 525 -51.22 28.68 -14.03
CA THR B 525 -49.81 29.12 -13.94
C THR B 525 -48.77 28.00 -13.88
N VAL B 526 -47.95 27.90 -14.93
CA VAL B 526 -46.92 26.88 -15.00
C VAL B 526 -45.53 27.46 -15.21
N ASP B 527 -44.60 27.09 -14.35
CA ASP B 527 -43.24 27.61 -14.41
C ASP B 527 -42.09 26.61 -14.65
N VAL B 528 -41.28 26.94 -15.64
CA VAL B 528 -40.11 26.15 -16.03
C VAL B 528 -38.87 26.81 -15.45
N ALA B 529 -38.31 26.17 -14.41
CA ALA B 529 -37.12 26.65 -13.74
C ALA B 529 -35.93 25.78 -14.13
N ILE B 530 -34.78 26.43 -14.21
CA ILE B 530 -33.54 25.77 -14.56
C ILE B 530 -32.45 26.45 -13.74
N LYS B 531 -31.49 25.65 -13.26
CA LYS B 531 -30.37 26.12 -12.43
C LYS B 531 -29.10 25.24 -12.63
N VAL B 532 -27.97 25.86 -12.95
CA VAL B 532 -26.70 25.13 -13.20
C VAL B 532 -25.75 25.11 -12.00
N LYS B 533 -24.72 24.26 -12.10
CA LYS B 533 -23.70 24.08 -11.06
C LYS B 533 -22.51 23.33 -11.65
N ASN B 534 -21.53 24.06 -12.18
CA ASN B 534 -20.32 23.47 -12.77
C ASN B 534 -19.06 23.93 -12.03
N ALA B 539 -21.66 26.55 -16.23
CA ALA B 539 -21.01 27.73 -16.87
C ALA B 539 -21.10 27.64 -18.38
N TYR B 540 -22.33 27.58 -18.92
CA TYR B 540 -22.53 27.48 -20.36
C TYR B 540 -23.63 28.41 -20.96
N SER B 541 -23.92 28.21 -22.24
CA SER B 541 -24.95 28.97 -22.97
C SER B 541 -26.00 27.96 -23.43
N PHE B 542 -27.25 28.21 -23.06
CA PHE B 542 -28.31 27.28 -23.38
C PHE B 542 -29.48 27.71 -24.25
N ARG B 543 -29.99 26.74 -24.99
CA ARG B 543 -31.14 26.91 -25.86
C ARG B 543 -32.21 25.91 -25.39
N VAL B 544 -33.43 26.40 -25.15
CA VAL B 544 -34.55 25.59 -24.66
C VAL B 544 -35.90 25.72 -25.39
N HIS B 545 -36.38 24.62 -25.98
CA HIS B 545 -37.66 24.64 -26.69
C HIS B 545 -38.80 24.23 -25.76
N GLU B 546 -39.98 24.00 -26.30
CA GLU B 546 -41.17 23.63 -25.53
C GLU B 546 -42.37 23.75 -26.44
N MET B 547 -42.95 22.62 -26.87
CA MET B 547 -44.09 22.68 -27.77
C MET B 547 -45.46 22.42 -27.13
N LEU B 548 -46.45 23.25 -27.47
CA LEU B 548 -47.83 23.13 -26.95
C LEU B 548 -48.82 23.82 -27.89
N PRO B 549 -50.13 23.76 -27.59
CA PRO B 549 -51.16 24.41 -28.42
C PRO B 549 -51.34 25.97 -28.42
N CYS B 550 -51.14 26.67 -27.30
CA CYS B 550 -51.28 28.14 -27.29
C CYS B 550 -50.51 28.91 -26.20
N LYS B 551 -51.19 29.34 -25.13
CA LYS B 551 -50.61 30.07 -23.96
C LYS B 551 -51.02 31.54 -23.73
N VAL B 552 -51.02 31.96 -22.46
CA VAL B 552 -51.41 33.33 -22.07
C VAL B 552 -50.23 34.22 -21.64
N LYS B 556 -45.14 35.39 -18.79
CA LYS B 556 -43.81 34.78 -19.14
C LYS B 556 -42.67 35.79 -18.93
N PRO B 557 -41.42 35.30 -18.83
CA PRO B 557 -40.27 36.18 -18.64
C PRO B 557 -39.51 36.35 -19.96
N GLU B 558 -40.23 36.81 -20.97
CA GLU B 558 -39.72 37.06 -22.32
C GLU B 558 -39.76 35.78 -23.17
N PRO B 559 -40.64 35.72 -24.17
CA PRO B 559 -40.76 34.56 -25.05
C PRO B 559 -39.87 34.65 -26.28
N LYS B 560 -40.23 33.91 -27.32
CA LYS B 560 -39.49 33.91 -28.59
C LYS B 560 -40.05 32.77 -29.45
N VAL B 561 -41.33 32.90 -29.78
CA VAL B 561 -42.15 31.93 -30.54
C VAL B 561 -42.03 31.79 -32.06
N VAL B 562 -42.17 30.55 -32.53
CA VAL B 562 -42.16 30.22 -33.95
C VAL B 562 -43.29 29.23 -34.00
N THR B 563 -43.98 29.10 -35.13
CA THR B 563 -45.11 28.18 -35.17
C THR B 563 -45.07 27.11 -36.25
N MET B 564 -45.40 25.88 -35.85
CA MET B 564 -45.41 24.74 -36.75
C MET B 564 -46.74 24.00 -36.66
N GLY B 565 -47.23 23.58 -37.82
CA GLY B 565 -48.48 22.87 -37.88
C GLY B 565 -49.54 23.65 -37.12
N ASN B 566 -50.04 23.06 -36.05
CA ASN B 566 -51.03 23.72 -35.24
C ASN B 566 -50.41 24.12 -33.93
N ASP B 567 -50.17 23.15 -33.07
CA ASP B 567 -49.56 23.44 -31.79
C ASP B 567 -48.27 24.24 -32.03
N TYR B 568 -48.02 25.22 -31.16
CA TYR B 568 -46.86 26.11 -31.27
C TYR B 568 -45.63 25.66 -30.51
N ASP B 569 -44.55 26.41 -30.70
CA ASP B 569 -43.26 26.13 -30.06
C ASP B 569 -42.68 27.37 -29.39
N TYR B 570 -42.55 27.35 -28.08
CA TYR B 570 -41.98 28.48 -27.36
C TYR B 570 -40.50 28.26 -27.01
N VAL B 571 -39.59 28.84 -27.80
CA VAL B 571 -38.14 28.70 -27.60
C VAL B 571 -37.43 29.85 -26.86
N TRP B 572 -37.09 29.62 -25.59
CA TRP B 572 -36.38 30.61 -24.75
C TRP B 572 -34.87 30.51 -25.00
N ASP B 573 -34.12 31.53 -24.62
CA ASP B 573 -32.68 31.48 -24.83
C ASP B 573 -31.95 32.03 -23.63
N ILE B 574 -31.19 31.17 -22.95
CA ILE B 574 -30.47 31.59 -21.75
C ILE B 574 -29.03 31.11 -21.69
N SER B 575 -28.24 31.82 -20.90
CA SER B 575 -26.83 31.52 -20.66
C SER B 575 -26.55 31.81 -19.19
N ALA B 576 -26.69 30.80 -18.34
CA ALA B 576 -26.46 30.95 -16.91
C ALA B 576 -25.23 30.16 -16.51
N SER B 577 -24.49 30.62 -15.51
CA SER B 577 -23.28 29.93 -15.10
C SER B 577 -23.13 29.75 -13.60
N ALA B 578 -21.96 29.24 -13.22
CA ALA B 578 -21.62 29.02 -11.83
C ALA B 578 -22.76 28.34 -11.10
N GLY B 579 -23.45 29.13 -10.27
CA GLY B 579 -24.57 28.62 -9.51
C GLY B 579 -25.76 29.52 -9.75
N SER B 580 -26.04 29.78 -11.02
CA SER B 580 -27.16 30.64 -11.38
C SER B 580 -28.45 29.82 -11.29
N SER B 581 -29.55 30.51 -11.02
CA SER B 581 -30.86 29.87 -10.91
C SER B 581 -31.90 30.82 -11.47
N LYS B 582 -32.31 30.61 -12.73
CA LYS B 582 -33.30 31.47 -13.37
C LYS B 582 -34.68 30.79 -13.41
N VAL B 583 -35.76 31.56 -13.56
CA VAL B 583 -37.09 30.95 -13.61
C VAL B 583 -37.99 31.49 -14.71
N LEU B 584 -38.50 30.59 -15.56
CA LEU B 584 -39.38 30.91 -16.70
C LEU B 584 -40.86 30.56 -16.43
N SER B 585 -41.82 31.44 -16.77
CA SER B 585 -43.25 31.20 -16.50
C SER B 585 -44.26 31.39 -17.67
N TYR B 586 -45.55 31.14 -17.41
CA TYR B 586 -46.63 31.34 -18.39
C TYR B 586 -48.07 30.95 -17.94
N LYS B 587 -49.01 30.66 -18.85
CA LYS B 587 -50.39 30.35 -18.43
C LYS B 587 -51.29 29.30 -19.14
N ILE B 588 -52.56 29.31 -18.75
CA ILE B 588 -53.63 28.40 -19.21
C ILE B 588 -53.94 28.20 -20.70
N GLU B 589 -54.89 27.29 -20.92
CA GLU B 589 -55.43 26.87 -22.22
C GLU B 589 -56.34 25.66 -21.93
N SER B 590 -55.78 24.44 -21.93
CA SER B 590 -56.59 23.24 -21.60
C SER B 590 -56.26 22.80 -20.16
N ALA B 591 -55.95 21.52 -19.91
CA ALA B 591 -55.64 21.08 -18.54
C ALA B 591 -54.88 19.76 -18.38
N SER B 592 -55.00 19.17 -17.19
CA SER B 592 -54.37 17.89 -16.81
C SER B 592 -53.39 17.32 -17.82
N GLU B 593 -53.92 16.87 -18.95
CA GLU B 593 -53.14 16.27 -20.04
C GLU B 593 -51.70 16.77 -20.13
N GLU B 594 -51.50 18.05 -19.87
CA GLU B 594 -50.19 18.68 -19.93
C GLU B 594 -49.02 17.88 -19.37
N GLU B 595 -49.23 17.26 -18.22
CA GLU B 595 -48.16 16.46 -17.64
C GLU B 595 -47.86 15.30 -18.59
N LEU B 596 -47.07 15.56 -19.64
CA LEU B 596 -46.72 14.54 -20.62
C LEU B 596 -45.66 15.01 -21.64
N GLN B 597 -44.57 15.63 -21.20
CA GLN B 597 -43.57 16.11 -22.17
C GLN B 597 -42.06 15.85 -22.05
N LYS B 598 -41.32 16.79 -21.46
CA LYS B 598 -39.85 16.74 -21.32
C LYS B 598 -39.29 17.69 -22.37
N LEU B 599 -38.99 18.92 -21.95
CA LEU B 599 -38.49 20.00 -22.84
C LEU B 599 -37.05 19.93 -23.36
N PRO B 600 -36.83 19.86 -24.69
CA PRO B 600 -35.45 19.79 -25.21
C PRO B 600 -34.65 21.10 -25.26
N GLN B 601 -33.32 21.00 -25.28
CA GLN B 601 -32.41 22.16 -25.39
C GLN B 601 -31.41 21.96 -26.54
N LEU B 602 -30.55 22.95 -26.78
CA LEU B 602 -29.55 22.84 -27.84
C LEU B 602 -28.21 23.43 -27.40
N ILE B 603 -27.32 22.54 -26.94
CA ILE B 603 -25.95 22.83 -26.45
C ILE B 603 -25.58 21.79 -25.38
N VAL B 604 -24.30 21.51 -25.22
CA VAL B 604 -23.88 20.54 -24.23
C VAL B 604 -24.26 19.15 -24.73
N GLU B 605 -25.06 18.42 -23.93
N THR B 613 -33.99 15.72 -22.08
CA THR B 613 -33.00 15.39 -23.14
C THR B 613 -32.50 16.69 -23.72
N GLY B 614 -31.48 16.60 -24.58
CA GLY B 614 -30.91 17.79 -25.20
C GLY B 614 -29.72 17.46 -26.09
N ALA B 615 -29.83 17.85 -27.37
CA ALA B 615 -28.77 17.62 -28.34
C ALA B 615 -27.69 18.69 -28.26
N LYS B 616 -26.93 18.83 -29.34
CA LYS B 616 -25.85 19.79 -29.47
C LYS B 616 -24.90 19.19 -30.51
#